data_6W8I
#
_entry.id   6W8I
#
_cell.length_a   69.250
_cell.length_b   109.490
_cell.length_c   188.740
_cell.angle_alpha   90.000
_cell.angle_beta   90.000
_cell.angle_gamma   90.000
#
_symmetry.space_group_name_H-M   'P 21 21 21'
#
loop_
_entity.id
_entity.type
_entity.pdbx_description
1 polymer 'Tyrosine-protein kinase BTK'
2 polymer 'Baculoviral IAP repeat-containing protein 2'
3 non-polymer '14-{[(3S)-2-(N-methyl-L-alanyl-3-methyl-L-valyl)-3-{[(1R)-1,2,3,4-tetrahydronaphthalen-1-yl]carbamoyl}-1,2,3,4-tetrahydroisoquinolin-7-yl]oxy}-3,6,9,12-tetraoxatetradecan-1-yl (3R)-3-{5-amino-4-carbamoyl-3-[4-(2,4-difluorophenoxy)phenyl]-1H-pyrazol-1-yl}piperidine-1-carboxylate'
4 non-polymer 'ZINC ION'
#
loop_
_entity_poly.entity_id
_entity_poly.type
_entity_poly.pdbx_seq_one_letter_code
_entity_poly.pdbx_strand_id
1 'polypeptide(L)'
;SAPSTAGLGYGSWEIDPKDLTFLKELGTGQFGVVKYGKWRGQYDVAIKMIKEGSMSEDEFIEEAKVMMNLSHEKLVQLYG
VCTKQRPIFIITEYMANGCLLNYLREMRHRFQTQQLLEMCKDVCEAMEYLESKQFLHRDLAARNCLVNDQGVVKVSDFGL
SRYVLDDEYTSSVGSKFPVRWSPPEVLMYSKFSSKSDIWAFGVLMWEIYSLGKMPYERFTNSETAEHIAQGLRLYRPHLA
SEKVYTIMYSCWHEKADERPTFKILLSNILDVMDEES
;
A,B,C
2 'polypeptide(L)'
;GSGPGSSISNLSMQTHAARMRTFMYWPSSVPVQPEQLASAGFYYVGRNDDVKCFCCDGGLRCWESGDDPWVEHAKWFPRC
EFLIRMKGQEFVDEIQGRY
;
D,E,F
#
loop_
_chem_comp.id
_chem_comp.type
_chem_comp.name
_chem_comp.formula
TKY non-polymer '14-{[(3S)-2-(N-methyl-L-alanyl-3-methyl-L-valyl)-3-{[(1R)-1,2,3,4-tetrahydronaphthalen-1-yl]carbamoyl}-1,2,3,4-tetrahydroisoquinolin-7-yl]oxy}-3,6,9,12-tetraoxatetradecan-1-yl (3R)-3-{5-amino-4-carbamoyl-3-[4-(2,4-difluorophenoxy)phenyl]-1H-pyrazol-1-yl}piperidine-1-carboxylate' 'C62 H79 F2 N9 O12'
ZN non-polymer 'ZINC ION' 'Zn 2'
#
# COMPACT_ATOMS: atom_id res chain seq x y z
N GLY A 11 27.94 30.40 -34.30
CA GLY A 11 28.93 29.47 -33.78
C GLY A 11 29.40 29.82 -32.38
N SER A 12 30.75 29.83 -32.19
CA SER A 12 31.51 30.13 -30.96
C SER A 12 31.29 29.13 -29.80
N TRP A 13 30.37 28.17 -29.99
CA TRP A 13 30.01 27.12 -29.02
C TRP A 13 30.38 25.73 -29.54
N GLU A 14 30.86 25.65 -30.81
CA GLU A 14 31.29 24.43 -31.48
C GLU A 14 32.47 23.76 -30.77
N ILE A 15 32.39 22.43 -30.54
CA ILE A 15 33.41 21.63 -29.86
C ILE A 15 34.06 20.64 -30.83
N ASP A 16 35.39 20.50 -30.80
CA ASP A 16 36.13 19.56 -31.64
C ASP A 16 35.99 18.16 -31.04
N PRO A 17 35.39 17.19 -31.77
CA PRO A 17 35.23 15.83 -31.22
C PRO A 17 36.53 15.03 -31.07
N LYS A 18 37.67 15.61 -31.51
CA LYS A 18 39.01 15.02 -31.41
C LYS A 18 39.46 14.92 -29.95
N ASP A 19 38.93 15.81 -29.08
CA ASP A 19 39.20 15.86 -27.64
C ASP A 19 38.31 14.89 -26.84
N LEU A 20 37.16 14.47 -27.43
CA LEU A 20 36.20 13.56 -26.81
C LEU A 20 36.62 12.10 -26.83
N THR A 21 36.33 11.38 -25.73
CA THR A 21 36.64 9.97 -25.56
C THR A 21 35.39 9.26 -25.03
N PHE A 22 34.71 8.48 -25.89
CA PHE A 22 33.49 7.75 -25.53
C PHE A 22 33.76 6.59 -24.56
N LEU A 23 32.81 6.28 -23.67
CA LEU A 23 33.02 5.26 -22.64
C LEU A 23 31.86 4.26 -22.46
N LYS A 24 30.60 4.73 -22.34
CA LYS A 24 29.45 3.83 -22.12
C LYS A 24 28.17 4.37 -22.75
N GLU A 25 27.48 3.53 -23.57
CA GLU A 25 26.22 3.90 -24.21
C GLU A 25 25.12 3.84 -23.13
N LEU A 26 24.61 5.02 -22.72
CA LEU A 26 23.59 5.16 -21.68
C LEU A 26 22.19 4.70 -22.10
N GLY A 27 21.96 4.58 -23.40
CA GLY A 27 20.69 4.14 -23.97
C GLY A 27 20.11 5.07 -25.00
N THR A 28 19.11 4.60 -25.75
CA THR A 28 18.41 5.37 -26.80
C THR A 28 17.15 6.00 -26.24
N GLY A 29 17.02 7.31 -26.39
CA GLY A 29 15.87 8.09 -25.96
C GLY A 29 15.28 8.91 -27.08
N GLN A 30 14.65 10.05 -26.74
CA GLN A 30 14.05 10.97 -27.70
C GLN A 30 15.15 11.74 -28.43
N PHE A 31 14.91 12.09 -29.72
CA PHE A 31 15.82 12.81 -30.63
C PHE A 31 17.05 11.99 -31.05
N GLY A 32 17.59 11.17 -30.16
CA GLY A 32 18.75 10.33 -30.45
C GLY A 32 19.24 9.43 -29.33
N VAL A 33 20.49 8.94 -29.47
CA VAL A 33 21.15 8.04 -28.51
C VAL A 33 22.08 8.86 -27.61
N VAL A 34 22.11 8.54 -26.31
CA VAL A 34 22.97 9.22 -25.33
C VAL A 34 24.14 8.31 -24.93
N LYS A 35 25.35 8.82 -25.09
CA LYS A 35 26.60 8.12 -24.79
C LYS A 35 27.41 8.89 -23.76
N TYR A 36 27.88 8.20 -22.71
CA TYR A 36 28.74 8.80 -21.70
C TYR A 36 30.17 8.80 -22.19
N GLY A 37 30.83 9.95 -22.06
CA GLY A 37 32.21 10.13 -22.46
C GLY A 37 32.99 11.04 -21.55
N LYS A 38 34.26 11.26 -21.89
CA LYS A 38 35.16 12.14 -21.14
C LYS A 38 35.81 13.10 -22.12
N TRP A 39 35.49 14.40 -21.98
CA TRP A 39 36.06 15.46 -22.82
C TRP A 39 37.37 15.94 -22.20
N ARG A 40 38.44 15.98 -23.01
CA ARG A 40 39.82 16.37 -22.64
C ARG A 40 40.45 15.39 -21.62
N GLY A 41 39.92 14.17 -21.57
CA GLY A 41 40.38 13.08 -20.72
C GLY A 41 40.18 13.18 -19.21
N GLN A 42 39.48 14.23 -18.72
CA GLN A 42 39.27 14.37 -17.28
C GLN A 42 37.84 14.81 -16.90
N TYR A 43 37.19 15.64 -17.74
CA TYR A 43 35.84 16.13 -17.47
C TYR A 43 34.75 15.20 -18.00
N ASP A 44 33.83 14.79 -17.10
CA ASP A 44 32.70 13.90 -17.41
C ASP A 44 31.64 14.62 -18.23
N VAL A 45 31.31 14.06 -19.41
CA VAL A 45 30.33 14.63 -20.34
C VAL A 45 29.30 13.60 -20.82
N ALA A 46 28.11 14.09 -21.22
CA ALA A 46 27.03 13.28 -21.77
C ALA A 46 26.85 13.74 -23.22
N ILE A 47 27.00 12.81 -24.18
CA ILE A 47 26.92 13.10 -25.61
C ILE A 47 25.60 12.62 -26.21
N LYS A 48 24.72 13.57 -26.58
CA LYS A 48 23.44 13.28 -27.21
C LYS A 48 23.67 13.32 -28.71
N MET A 49 23.52 12.15 -29.35
CA MET A 49 23.72 12.00 -30.79
C MET A 49 22.38 12.10 -31.50
N ILE A 50 22.08 13.30 -32.05
CA ILE A 50 20.82 13.58 -32.75
C ILE A 50 20.73 12.80 -34.06
N LYS A 51 19.81 11.81 -34.10
CA LYS A 51 19.55 10.93 -35.24
C LYS A 51 19.20 11.74 -36.49
N GLU A 52 19.81 11.36 -37.63
CA GLU A 52 19.65 12.02 -38.93
C GLU A 52 18.18 12.15 -39.36
N GLY A 53 17.66 13.38 -39.31
CA GLY A 53 16.30 13.71 -39.70
C GLY A 53 15.23 13.57 -38.64
N SER A 54 15.63 13.32 -37.37
CA SER A 54 14.69 13.20 -36.24
C SER A 54 14.07 14.55 -35.91
N MET A 55 14.91 15.60 -35.81
CA MET A 55 14.52 16.98 -35.53
C MET A 55 14.72 17.86 -36.77
N SER A 56 14.07 19.04 -36.80
CA SER A 56 14.18 19.97 -37.92
C SER A 56 15.50 20.74 -37.83
N GLU A 57 16.28 20.74 -38.94
CA GLU A 57 17.59 21.39 -39.07
C GLU A 57 17.54 22.90 -38.76
N ASP A 58 16.50 23.59 -39.26
CA ASP A 58 16.25 25.02 -39.05
C ASP A 58 15.85 25.28 -37.60
N GLU A 59 15.11 24.33 -36.99
CA GLU A 59 14.66 24.38 -35.60
C GLU A 59 15.81 24.13 -34.62
N PHE A 60 16.87 23.41 -35.07
CA PHE A 60 18.08 23.11 -34.28
C PHE A 60 18.90 24.38 -34.02
N ILE A 61 18.65 25.45 -34.81
CA ILE A 61 19.32 26.74 -34.70
C ILE A 61 18.81 27.48 -33.45
N GLU A 62 17.48 27.62 -33.31
CA GLU A 62 16.81 28.28 -32.20
C GLU A 62 16.90 27.48 -30.89
N GLU A 63 16.84 26.13 -30.99
CA GLU A 63 16.91 25.20 -29.87
C GLU A 63 18.22 25.34 -29.09
N ALA A 64 19.36 25.31 -29.82
CA ALA A 64 20.71 25.41 -29.27
C ALA A 64 20.99 26.81 -28.71
N LYS A 65 20.72 27.86 -29.52
CA LYS A 65 20.93 29.28 -29.17
C LYS A 65 20.28 29.69 -27.85
N VAL A 66 19.01 29.27 -27.62
CA VAL A 66 18.26 29.60 -26.41
C VAL A 66 18.79 28.81 -25.16
N MET A 67 19.26 27.57 -25.37
CA MET A 67 19.78 26.69 -24.32
C MET A 67 21.22 27.04 -23.89
N MET A 68 21.95 27.74 -24.78
CA MET A 68 23.33 28.18 -24.57
C MET A 68 23.39 29.29 -23.52
N ASN A 69 22.75 30.44 -23.81
CA ASN A 69 22.69 31.64 -22.94
C ASN A 69 21.71 31.48 -21.76
N LEU A 70 21.78 30.33 -21.06
CA LEU A 70 20.93 29.97 -19.92
C LEU A 70 21.73 29.05 -19.00
N SER A 71 21.87 29.43 -17.72
CA SER A 71 22.61 28.62 -16.76
C SER A 71 22.06 28.70 -15.34
N HIS A 72 21.92 27.53 -14.69
CA HIS A 72 21.44 27.44 -13.31
C HIS A 72 22.01 26.24 -12.55
N GLU A 73 22.13 26.40 -11.23
CA GLU A 73 22.60 25.41 -10.24
C GLU A 73 21.84 24.09 -10.38
N LYS A 74 20.52 24.18 -10.63
CA LYS A 74 19.62 23.04 -10.76
C LYS A 74 19.16 22.77 -12.21
N LEU A 75 19.95 23.21 -13.21
CA LEU A 75 19.66 22.96 -14.63
C LEU A 75 20.75 22.13 -15.30
N VAL A 76 20.36 21.25 -16.24
CA VAL A 76 21.29 20.42 -17.00
C VAL A 76 22.00 21.37 -17.97
N GLN A 77 23.28 21.65 -17.69
CA GLN A 77 24.05 22.59 -18.50
C GLN A 77 24.52 22.01 -19.82
N LEU A 78 24.18 22.74 -20.90
CA LEU A 78 24.58 22.43 -22.28
C LEU A 78 26.00 22.95 -22.45
N TYR A 79 26.94 22.05 -22.78
CA TYR A 79 28.34 22.41 -22.97
C TYR A 79 28.62 22.87 -24.41
N GLY A 80 27.73 22.54 -25.35
CA GLY A 80 27.88 22.94 -26.74
C GLY A 80 27.41 21.96 -27.79
N VAL A 81 27.81 22.21 -29.05
CA VAL A 81 27.43 21.42 -30.22
C VAL A 81 28.62 20.99 -31.09
N CYS A 82 28.36 20.06 -32.04
CA CYS A 82 29.29 19.53 -33.03
C CYS A 82 28.48 19.43 -34.33
N THR A 83 28.44 20.54 -35.10
CA THR A 83 27.66 20.66 -36.34
C THR A 83 28.38 20.20 -37.60
N LYS A 84 29.71 20.38 -37.67
CA LYS A 84 30.55 20.05 -38.82
C LYS A 84 30.79 18.53 -39.04
N GLN A 85 29.68 17.74 -39.03
CA GLN A 85 29.59 16.28 -39.26
C GLN A 85 28.19 15.74 -38.95
N ARG A 86 27.83 14.60 -39.57
CA ARG A 86 26.55 13.92 -39.37
C ARG A 86 26.80 12.59 -38.63
N PRO A 87 26.13 12.31 -37.48
CA PRO A 87 25.07 13.10 -36.82
C PRO A 87 25.59 14.29 -36.02
N ILE A 88 24.70 15.26 -35.73
CA ILE A 88 25.03 16.45 -34.93
C ILE A 88 25.02 16.04 -33.45
N PHE A 89 26.13 16.36 -32.74
CA PHE A 89 26.28 16.03 -31.32
C PHE A 89 25.87 17.17 -30.39
N ILE A 90 25.32 16.83 -29.22
CA ILE A 90 24.94 17.77 -28.16
C ILE A 90 25.70 17.32 -26.92
N ILE A 91 26.75 18.07 -26.55
CA ILE A 91 27.58 17.76 -25.39
C ILE A 91 27.00 18.50 -24.18
N THR A 92 26.62 17.77 -23.11
CA THR A 92 26.03 18.37 -21.89
C THR A 92 26.62 17.78 -20.60
N GLU A 93 26.09 18.26 -19.44
CA GLU A 93 26.44 17.87 -18.08
C GLU A 93 26.02 16.41 -17.85
N TYR A 94 26.97 15.55 -17.45
CA TYR A 94 26.69 14.13 -17.23
C TYR A 94 25.99 13.88 -15.88
N MET A 95 24.78 13.30 -15.95
CA MET A 95 23.95 12.94 -14.79
C MET A 95 23.98 11.42 -14.67
N ALA A 96 24.78 10.91 -13.71
CA ALA A 96 25.02 9.49 -13.47
C ALA A 96 23.76 8.62 -13.41
N ASN A 97 22.80 8.95 -12.51
CA ASN A 97 21.56 8.19 -12.31
C ASN A 97 20.55 8.26 -13.49
N GLY A 98 20.75 9.20 -14.40
CA GLY A 98 19.90 9.38 -15.57
C GLY A 98 18.52 9.90 -15.25
N CYS A 99 17.49 9.43 -16.00
CA CYS A 99 16.08 9.82 -15.88
C CYS A 99 15.52 9.66 -14.47
N LEU A 100 14.85 10.72 -13.96
CA LEU A 100 14.22 10.80 -12.64
C LEU A 100 13.15 9.71 -12.46
N LEU A 101 12.37 9.45 -13.53
CA LEU A 101 11.30 8.45 -13.58
C LEU A 101 11.83 7.05 -13.23
N ASN A 102 12.99 6.65 -13.80
CA ASN A 102 13.64 5.37 -13.53
C ASN A 102 14.26 5.35 -12.14
N TYR A 103 14.80 6.52 -11.71
CA TYR A 103 15.41 6.71 -10.39
C TYR A 103 14.37 6.51 -9.29
N LEU A 104 13.13 7.00 -9.51
CA LEU A 104 12.02 6.86 -8.57
C LEU A 104 11.47 5.44 -8.57
N ARG A 105 11.28 4.85 -9.77
CA ARG A 105 10.75 3.49 -9.96
C ARG A 105 11.59 2.39 -9.29
N GLU A 106 12.92 2.62 -9.13
CA GLU A 106 13.81 1.69 -8.45
C GLU A 106 13.64 1.87 -6.94
N MET A 107 12.95 0.92 -6.28
CA MET A 107 12.70 0.93 -4.85
C MET A 107 13.92 0.49 -4.03
N ARG A 108 15.03 0.12 -4.74
CA ARG A 108 16.31 -0.31 -4.16
C ARG A 108 17.11 0.87 -3.58
N HIS A 109 16.44 2.02 -3.36
CA HIS A 109 17.02 3.24 -2.78
C HIS A 109 16.40 3.50 -1.41
N ARG A 110 15.13 3.05 -1.20
CA ARG A 110 14.32 3.22 0.01
C ARG A 110 14.24 4.69 0.41
N PHE A 111 13.64 5.51 -0.48
CA PHE A 111 13.50 6.96 -0.32
C PHE A 111 12.66 7.37 0.88
N GLN A 112 13.09 8.45 1.55
CA GLN A 112 12.40 9.03 2.71
C GLN A 112 11.54 10.21 2.24
N THR A 113 10.51 10.57 3.03
CA THR A 113 9.59 11.69 2.75
C THR A 113 10.36 13.00 2.62
N GLN A 114 11.42 13.16 3.45
CA GLN A 114 12.31 14.32 3.45
C GLN A 114 13.16 14.39 2.17
N GLN A 115 13.54 13.22 1.63
CA GLN A 115 14.34 13.10 0.40
C GLN A 115 13.51 13.43 -0.83
N LEU A 116 12.24 12.97 -0.88
CA LEU A 116 11.33 13.22 -1.99
C LEU A 116 10.92 14.70 -2.06
N LEU A 117 10.84 15.36 -0.89
CA LEU A 117 10.53 16.79 -0.74
C LEU A 117 11.71 17.63 -1.21
N GLU A 118 12.94 17.11 -1.04
CA GLU A 118 14.18 17.75 -1.46
C GLU A 118 14.30 17.74 -2.99
N MET A 119 13.70 16.73 -3.65
CA MET A 119 13.67 16.60 -5.12
C MET A 119 12.78 17.69 -5.72
N CYS A 120 11.62 17.94 -5.05
CA CYS A 120 10.63 18.95 -5.41
C CYS A 120 11.24 20.35 -5.34
N LYS A 121 12.13 20.56 -4.33
CA LYS A 121 12.86 21.80 -4.10
C LYS A 121 13.80 22.06 -5.29
N ASP A 122 14.54 21.02 -5.72
CA ASP A 122 15.49 21.03 -6.83
C ASP A 122 14.84 21.42 -8.16
N VAL A 123 13.66 20.84 -8.46
CA VAL A 123 12.90 21.12 -9.69
C VAL A 123 12.37 22.56 -9.64
N CYS A 124 11.77 22.95 -8.50
CA CYS A 124 11.21 24.29 -8.27
C CYS A 124 12.24 25.41 -8.39
N GLU A 125 13.46 25.18 -7.85
CA GLU A 125 14.57 26.13 -7.91
C GLU A 125 14.96 26.42 -9.36
N ALA A 126 15.01 25.35 -10.19
CA ALA A 126 15.34 25.45 -11.61
C ALA A 126 14.20 26.10 -12.39
N MET A 127 12.94 25.74 -12.08
CA MET A 127 11.75 26.28 -12.74
C MET A 127 11.55 27.76 -12.47
N GLU A 128 12.01 28.26 -11.30
CA GLU A 128 11.93 29.67 -10.93
C GLU A 128 12.90 30.49 -11.78
N TYR A 129 14.02 29.87 -12.21
CA TYR A 129 15.01 30.50 -13.08
C TYR A 129 14.43 30.68 -14.49
N LEU A 130 13.70 29.66 -14.98
CA LEU A 130 13.06 29.69 -16.30
C LEU A 130 11.89 30.68 -16.29
N GLU A 131 11.28 30.86 -15.10
CA GLU A 131 10.16 31.78 -14.85
C GLU A 131 10.63 33.23 -15.02
N SER A 132 11.83 33.57 -14.48
CA SER A 132 12.43 34.90 -14.56
C SER A 132 12.90 35.22 -15.98
N LYS A 133 13.38 34.21 -16.71
CA LYS A 133 13.86 34.32 -18.09
C LYS A 133 12.72 34.26 -19.12
N GLN A 134 11.44 34.19 -18.65
CA GLN A 134 10.21 34.08 -19.45
C GLN A 134 10.20 32.84 -20.36
N PHE A 135 11.00 31.84 -19.98
CA PHE A 135 11.16 30.57 -20.69
C PHE A 135 10.08 29.58 -20.24
N LEU A 136 9.40 28.97 -21.21
CA LEU A 136 8.39 27.95 -20.95
C LEU A 136 8.97 26.59 -21.27
N HIS A 137 8.79 25.61 -20.38
CA HIS A 137 9.30 24.27 -20.60
C HIS A 137 8.44 23.55 -21.65
N ARG A 138 7.15 23.93 -21.72
CA ARG A 138 6.11 23.43 -22.64
C ARG A 138 5.81 21.93 -22.46
N ASP A 139 6.63 21.22 -21.64
CA ASP A 139 6.50 19.79 -21.32
C ASP A 139 7.36 19.42 -20.08
N LEU A 140 6.82 19.68 -18.88
CA LEU A 140 7.50 19.35 -17.63
C LEU A 140 6.96 18.06 -17.00
N ALA A 141 7.85 17.06 -16.83
CA ALA A 141 7.56 15.74 -16.25
C ALA A 141 8.82 15.07 -15.75
N ALA A 142 8.69 13.87 -15.12
CA ALA A 142 9.84 13.10 -14.62
C ALA A 142 10.68 12.58 -15.77
N ARG A 143 10.03 12.36 -16.93
CA ARG A 143 10.62 11.87 -18.18
C ARG A 143 11.70 12.82 -18.71
N ASN A 144 11.53 14.13 -18.50
CA ASN A 144 12.44 15.18 -18.94
C ASN A 144 13.31 15.72 -17.79
N CYS A 145 13.43 14.96 -16.69
CA CYS A 145 14.26 15.33 -15.54
C CYS A 145 15.37 14.31 -15.32
N LEU A 146 16.58 14.79 -15.02
CA LEU A 146 17.74 13.95 -14.78
C LEU A 146 18.30 14.07 -13.36
N VAL A 147 18.94 13.00 -12.87
CA VAL A 147 19.51 12.89 -11.52
C VAL A 147 21.00 12.54 -11.63
N ASN A 148 21.87 13.27 -10.89
CA ASN A 148 23.30 13.00 -10.87
C ASN A 148 23.61 12.00 -9.74
N ASP A 149 24.89 11.57 -9.59
CA ASP A 149 25.37 10.60 -8.58
C ASP A 149 25.02 10.96 -7.13
N GLN A 150 24.94 12.28 -6.84
CA GLN A 150 24.67 12.85 -5.50
C GLN A 150 23.18 12.85 -5.12
N GLY A 151 22.31 12.62 -6.10
CA GLY A 151 20.86 12.57 -5.91
C GLY A 151 20.13 13.85 -6.27
N VAL A 152 20.88 14.88 -6.71
CA VAL A 152 20.35 16.19 -7.11
C VAL A 152 19.61 16.08 -8.43
N VAL A 153 18.33 16.49 -8.44
CA VAL A 153 17.47 16.45 -9.62
C VAL A 153 17.58 17.77 -10.38
N LYS A 154 17.85 17.67 -11.69
CA LYS A 154 17.96 18.82 -12.58
C LYS A 154 16.98 18.67 -13.74
N VAL A 155 16.65 19.78 -14.41
CA VAL A 155 15.70 19.79 -15.53
C VAL A 155 16.43 19.85 -16.87
N SER A 156 15.93 19.11 -17.86
CA SER A 156 16.48 19.01 -19.22
C SER A 156 15.34 18.93 -20.26
N ASP A 157 15.70 18.81 -21.56
CA ASP A 157 14.80 18.72 -22.73
C ASP A 157 13.78 19.89 -22.78
N PHE A 158 14.20 21.07 -22.27
CA PHE A 158 13.40 22.29 -22.21
C PHE A 158 13.30 22.97 -23.57
N GLY A 159 12.09 23.39 -23.92
CA GLY A 159 11.79 24.04 -25.20
C GLY A 159 11.67 23.08 -26.37
N LEU A 160 12.24 21.86 -26.21
CA LEU A 160 12.29 20.76 -27.18
C LEU A 160 10.92 20.27 -27.68
N SER A 161 9.82 20.66 -26.98
CA SER A 161 8.44 20.32 -27.31
C SER A 161 8.00 20.90 -28.66
N ARG A 162 8.53 22.10 -29.00
CA ARG A 162 8.24 22.82 -30.24
C ARG A 162 9.05 22.32 -31.46
N TYR A 163 9.87 21.28 -31.27
CA TYR A 163 10.72 20.70 -32.33
C TYR A 163 10.39 19.22 -32.60
N VAL A 164 10.96 18.67 -33.70
CA VAL A 164 10.78 17.28 -34.18
C VAL A 164 9.35 17.01 -34.64
N LYS A 176 0.73 10.14 -27.36
CA LYS A 176 1.99 10.78 -27.76
C LYS A 176 2.19 12.12 -27.07
N PHE A 177 1.16 12.99 -27.09
CA PHE A 177 1.15 14.32 -26.47
C PHE A 177 1.09 14.18 -24.92
N PRO A 178 1.78 15.04 -24.13
CA PRO A 178 1.70 14.91 -22.67
C PRO A 178 0.38 15.47 -22.11
N VAL A 179 -0.70 14.69 -22.28
CA VAL A 179 -2.07 15.01 -21.90
C VAL A 179 -2.20 15.08 -20.37
N ARG A 180 -1.65 14.07 -19.68
CA ARG A 180 -1.69 13.89 -18.22
C ARG A 180 -0.99 15.01 -17.43
N TRP A 181 -0.08 15.76 -18.09
CA TRP A 181 0.65 16.89 -17.50
C TRP A 181 0.10 18.24 -17.98
N SER A 182 -0.87 18.21 -18.93
CA SER A 182 -1.48 19.39 -19.52
C SER A 182 -2.67 19.98 -18.73
N PRO A 183 -2.68 21.31 -18.49
CA PRO A 183 -3.82 21.95 -17.80
C PRO A 183 -5.07 22.07 -18.69
N PRO A 184 -6.26 22.47 -18.17
CA PRO A 184 -7.47 22.52 -19.03
C PRO A 184 -7.41 23.45 -20.23
N GLU A 185 -6.70 24.60 -20.11
CA GLU A 185 -6.57 25.58 -21.19
C GLU A 185 -5.70 25.06 -22.34
N VAL A 186 -4.71 24.21 -22.04
CA VAL A 186 -3.82 23.59 -23.04
C VAL A 186 -4.57 22.47 -23.77
N LEU A 187 -5.53 21.83 -23.07
CA LEU A 187 -6.34 20.76 -23.64
C LEU A 187 -7.43 21.29 -24.56
N MET A 188 -8.33 22.12 -24.02
CA MET A 188 -9.47 22.67 -24.75
C MET A 188 -9.15 23.80 -25.73
N TYR A 189 -8.15 24.65 -25.43
CA TYR A 189 -7.84 25.81 -26.27
C TYR A 189 -6.38 25.92 -26.74
N SER A 190 -5.47 25.06 -26.23
CA SER A 190 -4.04 25.01 -26.56
C SER A 190 -3.28 26.33 -26.24
N LYS A 191 -3.66 26.99 -25.12
CA LYS A 191 -3.04 28.24 -24.69
C LYS A 191 -1.95 28.00 -23.63
N PHE A 192 -0.68 28.17 -24.03
CA PHE A 192 0.48 27.97 -23.17
C PHE A 192 0.84 29.24 -22.40
N SER A 193 1.01 29.11 -21.08
CA SER A 193 1.36 30.20 -20.18
C SER A 193 2.42 29.75 -19.16
N SER A 194 2.81 30.64 -18.21
CA SER A 194 3.77 30.32 -17.16
C SER A 194 3.11 29.40 -16.13
N LYS A 195 1.77 29.48 -16.05
CA LYS A 195 0.91 28.69 -15.17
C LYS A 195 0.66 27.29 -15.72
N SER A 196 0.97 27.06 -17.02
CA SER A 196 0.82 25.75 -17.67
C SER A 196 1.90 24.80 -17.14
N ASP A 197 3.11 25.33 -16.90
CA ASP A 197 4.25 24.60 -16.36
C ASP A 197 4.03 24.33 -14.86
N ILE A 198 3.25 25.22 -14.19
CA ILE A 198 2.87 25.12 -12.77
C ILE A 198 2.03 23.84 -12.56
N TRP A 199 1.04 23.62 -13.44
CA TRP A 199 0.17 22.44 -13.43
C TRP A 199 1.02 21.20 -13.68
N ALA A 200 1.97 21.28 -14.65
CA ALA A 200 2.89 20.20 -15.02
C ALA A 200 3.81 19.83 -13.85
N PHE A 201 4.25 20.85 -13.07
CA PHE A 201 5.08 20.70 -11.87
C PHE A 201 4.28 19.97 -10.79
N GLY A 202 2.98 20.26 -10.71
CA GLY A 202 2.05 19.65 -9.76
C GLY A 202 1.91 18.16 -9.99
N VAL A 203 1.78 17.76 -11.28
CA VAL A 203 1.68 16.37 -11.73
C VAL A 203 3.04 15.66 -11.50
N LEU A 204 4.15 16.42 -11.67
CA LEU A 204 5.52 15.95 -11.44
C LEU A 204 5.75 15.74 -9.94
N MET A 205 5.16 16.61 -9.09
CA MET A 205 5.22 16.49 -7.63
C MET A 205 4.54 15.21 -7.20
N TRP A 206 3.44 14.85 -7.91
CA TRP A 206 2.69 13.62 -7.69
C TRP A 206 3.54 12.42 -8.12
N GLU A 207 4.22 12.52 -9.29
CA GLU A 207 5.11 11.48 -9.86
C GLU A 207 6.20 11.07 -8.86
N ILE A 208 6.77 12.06 -8.15
CA ILE A 208 7.83 11.87 -7.16
C ILE A 208 7.28 11.14 -5.91
N TYR A 209 6.13 11.60 -5.37
CA TYR A 209 5.51 11.00 -4.19
C TYR A 209 4.81 9.68 -4.44
N SER A 210 4.44 9.39 -5.70
CA SER A 210 3.82 8.12 -6.07
C SER A 210 4.90 7.13 -6.57
N LEU A 211 6.17 7.59 -6.59
CA LEU A 211 7.38 6.88 -6.99
C LEU A 211 7.33 6.31 -8.41
N GLY A 212 7.32 7.23 -9.37
CA GLY A 212 7.30 6.93 -10.79
C GLY A 212 6.00 6.33 -11.31
N LYS A 213 4.91 6.40 -10.52
CA LYS A 213 3.60 5.87 -10.92
C LYS A 213 2.96 6.74 -12.00
N MET A 214 2.19 6.11 -12.90
CA MET A 214 1.52 6.80 -14.00
C MET A 214 0.34 7.65 -13.51
N PRO A 215 0.31 8.96 -13.83
CA PRO A 215 -0.85 9.80 -13.44
C PRO A 215 -2.07 9.40 -14.25
N TYR A 216 -3.24 9.23 -13.59
CA TYR A 216 -4.50 8.82 -14.22
C TYR A 216 -4.27 7.52 -15.04
N GLU A 217 -3.73 6.47 -14.36
CA GLU A 217 -3.38 5.16 -14.92
C GLU A 217 -4.61 4.41 -15.48
N ARG A 218 -5.74 4.39 -14.74
CA ARG A 218 -6.97 3.70 -15.12
C ARG A 218 -7.70 4.32 -16.33
N PHE A 219 -7.38 5.58 -16.65
CA PHE A 219 -7.99 6.30 -17.77
C PHE A 219 -7.02 6.45 -18.94
N THR A 220 -7.54 6.35 -20.17
CA THR A 220 -6.75 6.51 -21.40
C THR A 220 -6.51 8.01 -21.61
N ASN A 221 -5.63 8.39 -22.57
CA ASN A 221 -5.33 9.80 -22.88
C ASN A 221 -6.58 10.62 -23.26
N SER A 222 -7.53 10.01 -23.98
CA SER A 222 -8.79 10.65 -24.39
C SER A 222 -9.71 10.88 -23.19
N GLU A 223 -9.79 9.89 -22.27
CA GLU A 223 -10.59 9.95 -21.05
C GLU A 223 -9.99 10.96 -20.06
N THR A 224 -8.63 11.03 -19.99
CA THR A 224 -7.87 11.94 -19.13
C THR A 224 -8.23 13.39 -19.41
N ALA A 225 -8.25 13.78 -20.71
CA ALA A 225 -8.58 15.13 -21.16
C ALA A 225 -10.00 15.53 -20.74
N GLU A 226 -10.98 14.60 -20.90
CA GLU A 226 -12.38 14.80 -20.55
C GLU A 226 -12.59 14.94 -19.04
N HIS A 227 -11.97 14.03 -18.24
CA HIS A 227 -12.09 14.01 -16.78
C HIS A 227 -11.42 15.21 -16.10
N ILE A 228 -10.33 15.75 -16.68
CA ILE A 228 -9.63 16.94 -16.14
C ILE A 228 -10.55 18.16 -16.23
N ALA A 229 -11.26 18.29 -17.37
CA ALA A 229 -12.23 19.36 -17.64
C ALA A 229 -13.42 19.29 -16.69
N GLN A 230 -13.77 18.06 -16.26
CA GLN A 230 -14.88 17.80 -15.33
C GLN A 230 -14.53 18.02 -13.85
N GLY A 231 -13.26 18.33 -13.57
CA GLY A 231 -12.79 18.65 -12.23
C GLY A 231 -12.04 17.58 -11.45
N LEU A 232 -11.71 16.45 -12.09
CA LEU A 232 -10.96 15.36 -11.47
C LEU A 232 -9.50 15.75 -11.26
N ARG A 233 -9.00 15.57 -10.03
CA ARG A 233 -7.63 15.89 -9.69
C ARG A 233 -6.95 14.65 -9.09
N LEU A 234 -5.61 14.55 -9.24
CA LEU A 234 -4.82 13.42 -8.73
C LEU A 234 -4.92 13.30 -7.22
N TYR A 235 -5.19 12.07 -6.74
CA TYR A 235 -5.33 11.70 -5.33
C TYR A 235 -4.03 11.89 -4.56
N ARG A 236 -4.11 12.00 -3.22
CA ARG A 236 -2.94 12.14 -2.37
C ARG A 236 -2.19 10.80 -2.29
N PRO A 237 -0.90 10.74 -2.71
CA PRO A 237 -0.17 9.47 -2.60
C PRO A 237 0.13 9.16 -1.14
N HIS A 238 0.23 7.87 -0.81
CA HIS A 238 0.49 7.34 0.53
C HIS A 238 1.70 7.99 1.23
N LEU A 239 2.71 8.39 0.46
CA LEU A 239 3.94 9.04 0.95
C LEU A 239 3.73 10.51 1.38
N ALA A 240 3.03 11.30 0.56
CA ALA A 240 2.79 12.73 0.81
C ALA A 240 1.83 13.02 1.95
N SER A 241 2.17 14.03 2.79
CA SER A 241 1.34 14.47 3.91
C SER A 241 0.36 15.53 3.41
N GLU A 242 -0.64 15.89 4.25
CA GLU A 242 -1.68 16.89 3.92
C GLU A 242 -1.08 18.22 3.45
N LYS A 243 -0.01 18.70 4.11
CA LYS A 243 0.70 19.95 3.77
C LYS A 243 1.30 19.90 2.36
N VAL A 244 2.05 18.81 2.04
CA VAL A 244 2.70 18.60 0.74
C VAL A 244 1.65 18.40 -0.36
N TYR A 245 0.52 17.75 -0.05
CA TYR A 245 -0.56 17.53 -1.01
C TYR A 245 -1.27 18.85 -1.35
N THR A 246 -1.32 19.80 -0.40
CA THR A 246 -1.88 21.13 -0.58
C THR A 246 -0.97 21.94 -1.53
N ILE A 247 0.36 21.68 -1.47
CA ILE A 247 1.37 22.33 -2.33
C ILE A 247 1.13 21.90 -3.79
N MET A 248 1.00 20.59 -4.05
CA MET A 248 0.74 20.08 -5.40
C MET A 248 -0.70 20.36 -5.87
N TYR A 249 -1.67 20.47 -4.94
CA TYR A 249 -3.07 20.76 -5.28
C TYR A 249 -3.26 22.21 -5.72
N SER A 250 -2.52 23.16 -5.11
CA SER A 250 -2.58 24.58 -5.44
C SER A 250 -2.20 24.83 -6.91
N CYS A 251 -1.38 23.92 -7.48
CA CYS A 251 -0.93 23.92 -8.88
C CYS A 251 -2.10 23.59 -9.80
N TRP A 252 -3.06 22.80 -9.30
CA TRP A 252 -4.19 22.34 -10.10
C TRP A 252 -5.47 23.19 -9.95
N HIS A 253 -5.34 24.51 -10.10
CA HIS A 253 -6.49 25.40 -10.05
C HIS A 253 -7.10 25.46 -11.46
N GLU A 254 -8.45 25.34 -11.56
CA GLU A 254 -9.17 25.39 -12.84
C GLU A 254 -8.83 26.68 -13.60
N LYS A 255 -8.91 27.83 -12.92
CA LYS A 255 -8.55 29.14 -13.46
C LYS A 255 -7.05 29.31 -13.22
N ALA A 256 -6.27 29.43 -14.30
CA ALA A 256 -4.80 29.58 -14.26
C ALA A 256 -4.32 30.80 -13.47
N ASP A 257 -5.15 31.86 -13.41
CA ASP A 257 -4.88 33.11 -12.69
C ASP A 257 -4.68 32.89 -11.19
N GLU A 258 -5.33 31.85 -10.62
CA GLU A 258 -5.26 31.50 -9.19
C GLU A 258 -4.20 30.42 -8.87
N ARG A 259 -3.40 30.01 -9.88
CA ARG A 259 -2.29 29.08 -9.69
C ARG A 259 -1.09 29.89 -9.16
N PRO A 260 -0.21 29.33 -8.29
CA PRO A 260 0.91 30.14 -7.80
C PRO A 260 2.07 30.23 -8.79
N THR A 261 3.16 30.89 -8.39
CA THR A 261 4.38 31.03 -9.17
C THR A 261 5.42 30.11 -8.53
N PHE A 262 6.53 29.82 -9.23
CA PHE A 262 7.60 28.98 -8.65
C PHE A 262 8.30 29.65 -7.47
N LYS A 263 8.17 30.99 -7.35
CA LYS A 263 8.71 31.78 -6.23
C LYS A 263 7.86 31.48 -5.00
N ILE A 264 6.51 31.45 -5.18
CA ILE A 264 5.52 31.15 -4.14
C ILE A 264 5.57 29.66 -3.78
N LEU A 265 5.75 28.78 -4.79
CA LEU A 265 5.83 27.33 -4.61
C LEU A 265 7.06 26.90 -3.80
N LEU A 266 8.25 27.45 -4.12
CA LEU A 266 9.52 27.18 -3.42
C LEU A 266 9.41 27.64 -1.96
N SER A 267 8.76 28.81 -1.74
CA SER A 267 8.51 29.41 -0.44
C SER A 267 7.76 28.42 0.45
N ASN A 268 6.67 27.82 -0.08
CA ASN A 268 5.85 26.83 0.61
C ASN A 268 6.61 25.52 0.82
N ILE A 269 7.47 25.12 -0.15
CA ILE A 269 8.28 23.91 -0.08
C ILE A 269 9.30 24.01 1.06
N LEU A 270 10.02 25.16 1.14
CA LEU A 270 11.02 25.42 2.18
C LEU A 270 10.37 25.61 3.56
N ASP A 271 9.13 26.16 3.60
CA ASP A 271 8.37 26.37 4.83
C ASP A 271 7.97 25.01 5.42
N VAL A 272 7.48 24.09 4.59
CA VAL A 272 7.06 22.74 4.98
C VAL A 272 8.30 21.89 5.31
N MET A 273 9.46 22.17 4.64
CA MET A 273 10.73 21.50 4.88
C MET A 273 11.19 21.72 6.33
N ASP A 274 10.99 22.94 6.87
CA ASP A 274 11.32 23.29 8.25
C ASP A 274 10.09 23.16 9.17
N GLU A 275 9.25 22.15 8.91
CA GLU A 275 8.03 21.82 9.65
C GLU A 275 7.84 20.31 9.75
N TRP B 13 0.42 -42.53 -14.10
CA TRP B 13 1.78 -42.18 -13.70
C TRP B 13 2.49 -41.29 -14.75
N GLU B 14 2.52 -41.74 -16.01
CA GLU B 14 3.13 -41.01 -17.14
C GLU B 14 2.09 -40.09 -17.76
N ILE B 15 2.51 -38.89 -18.21
CA ILE B 15 1.63 -37.90 -18.83
C ILE B 15 1.95 -37.75 -20.33
N ASP B 16 0.89 -37.61 -21.16
CA ASP B 16 0.98 -37.43 -22.61
C ASP B 16 1.26 -35.96 -22.96
N PRO B 17 2.33 -35.66 -23.76
CA PRO B 17 2.62 -34.26 -24.11
C PRO B 17 1.54 -33.56 -24.96
N LYS B 18 0.56 -34.32 -25.48
CA LYS B 18 -0.55 -33.82 -26.28
C LYS B 18 -1.53 -33.02 -25.40
N ASP B 19 -1.74 -33.47 -24.15
CA ASP B 19 -2.63 -32.84 -23.17
C ASP B 19 -2.12 -31.51 -22.61
N LEU B 20 -0.80 -31.26 -22.76
CA LEU B 20 -0.14 -30.05 -22.26
C LEU B 20 -0.11 -28.91 -23.28
N THR B 21 -0.38 -27.68 -22.81
CA THR B 21 -0.38 -26.45 -23.61
C THR B 21 0.71 -25.54 -23.04
N PHE B 22 1.32 -24.69 -23.88
CA PHE B 22 2.36 -23.76 -23.43
C PHE B 22 1.88 -22.31 -23.54
N LEU B 23 1.92 -21.57 -22.41
CA LEU B 23 1.45 -20.19 -22.34
C LEU B 23 2.56 -19.16 -22.11
N LYS B 24 3.50 -19.42 -21.17
CA LYS B 24 4.60 -18.50 -20.85
C LYS B 24 5.86 -19.22 -20.34
N GLU B 25 7.04 -18.85 -20.86
CA GLU B 25 8.32 -19.40 -20.41
C GLU B 25 8.70 -18.60 -19.17
N LEU B 26 9.06 -19.30 -18.07
CA LEU B 26 9.39 -18.65 -16.80
C LEU B 26 10.89 -18.35 -16.61
N GLY B 27 11.72 -18.85 -17.52
CA GLY B 27 13.17 -18.65 -17.52
C GLY B 27 13.97 -19.94 -17.54
N THR B 28 15.31 -19.82 -17.39
CA THR B 28 16.22 -20.97 -17.37
C THR B 28 16.71 -21.20 -15.94
N GLY B 29 16.18 -22.26 -15.32
CA GLY B 29 16.50 -22.64 -13.94
C GLY B 29 17.83 -23.33 -13.76
N GLN B 30 18.05 -23.89 -12.56
CA GLN B 30 19.29 -24.59 -12.20
C GLN B 30 19.41 -25.94 -12.92
N PHE B 31 18.34 -26.78 -12.88
CA PHE B 31 18.32 -28.09 -13.53
C PHE B 31 17.82 -28.05 -14.99
N GLY B 32 17.06 -27.01 -15.35
CA GLY B 32 16.53 -26.83 -16.70
C GLY B 32 15.54 -25.70 -16.88
N VAL B 33 15.10 -25.51 -18.15
CA VAL B 33 14.14 -24.48 -18.58
C VAL B 33 12.73 -24.84 -18.11
N VAL B 34 12.04 -23.87 -17.48
CA VAL B 34 10.68 -24.05 -16.98
C VAL B 34 9.71 -23.17 -17.78
N LYS B 35 8.62 -23.80 -18.29
CA LYS B 35 7.58 -23.12 -19.03
C LYS B 35 6.22 -23.45 -18.42
N TYR B 36 5.47 -22.42 -17.98
CA TYR B 36 4.13 -22.56 -17.39
C TYR B 36 3.15 -23.04 -18.46
N GLY B 37 2.32 -24.00 -18.09
CA GLY B 37 1.33 -24.56 -19.00
C GLY B 37 -0.01 -24.86 -18.38
N LYS B 38 -0.84 -25.60 -19.14
CA LYS B 38 -2.17 -26.02 -18.74
C LYS B 38 -2.40 -27.45 -19.21
N TRP B 39 -2.66 -28.35 -18.26
CA TRP B 39 -2.95 -29.74 -18.56
C TRP B 39 -4.45 -29.84 -18.78
N ARG B 40 -4.85 -30.23 -20.01
CA ARG B 40 -6.24 -30.36 -20.48
C ARG B 40 -7.02 -29.02 -20.39
N GLY B 41 -6.30 -27.92 -20.61
CA GLY B 41 -6.82 -26.55 -20.60
C GLY B 41 -7.54 -26.08 -19.34
N GLN B 42 -7.52 -26.89 -18.26
CA GLN B 42 -8.18 -26.56 -17.01
C GLN B 42 -7.16 -26.45 -15.87
N TYR B 43 -6.42 -27.53 -15.60
CA TYR B 43 -5.42 -27.64 -14.55
C TYR B 43 -4.12 -26.88 -14.86
N ASP B 44 -3.82 -25.86 -14.04
CA ASP B 44 -2.61 -25.03 -14.18
C ASP B 44 -1.39 -25.79 -13.68
N VAL B 45 -0.39 -26.01 -14.57
CA VAL B 45 0.83 -26.76 -14.26
C VAL B 45 2.11 -25.95 -14.55
N ALA B 46 3.28 -26.61 -14.39
CA ALA B 46 4.62 -26.08 -14.64
C ALA B 46 5.46 -27.22 -15.25
N ILE B 47 6.02 -26.98 -16.44
CA ILE B 47 6.80 -27.98 -17.18
C ILE B 47 8.31 -27.68 -17.09
N LYS B 48 9.09 -28.64 -16.57
CA LYS B 48 10.55 -28.50 -16.43
C LYS B 48 11.26 -29.46 -17.38
N MET B 49 12.03 -28.89 -18.34
CA MET B 49 12.80 -29.66 -19.32
C MET B 49 14.16 -30.01 -18.69
N ILE B 50 14.43 -31.30 -18.47
CA ILE B 50 15.69 -31.72 -17.86
C ILE B 50 16.59 -32.45 -18.87
N LYS B 51 17.84 -31.95 -19.02
CA LYS B 51 18.83 -32.53 -19.92
C LYS B 51 19.37 -33.84 -19.35
N GLU B 52 19.76 -34.77 -20.25
CA GLU B 52 20.29 -36.10 -19.91
C GLU B 52 21.44 -36.05 -18.91
N GLY B 53 21.17 -36.54 -17.71
CA GLY B 53 22.13 -36.60 -16.61
C GLY B 53 22.79 -37.96 -16.53
N SER B 54 23.77 -38.10 -15.61
CA SER B 54 24.51 -39.35 -15.40
C SER B 54 23.59 -40.39 -14.77
N MET B 55 22.75 -39.96 -13.82
CA MET B 55 21.81 -40.77 -13.06
C MET B 55 20.71 -41.42 -13.92
N SER B 56 20.00 -40.60 -14.75
CA SER B 56 18.85 -40.90 -15.61
C SER B 56 18.95 -42.18 -16.49
N GLU B 57 19.00 -43.37 -15.85
CA GLU B 57 19.08 -44.67 -16.51
C GLU B 57 17.70 -45.32 -16.41
N ASP B 58 16.65 -44.48 -16.34
CA ASP B 58 15.24 -44.80 -16.13
C ASP B 58 15.03 -45.52 -14.78
N GLU B 59 15.98 -45.28 -13.86
CA GLU B 59 16.01 -45.65 -12.44
C GLU B 59 15.62 -44.34 -11.74
N PHE B 60 15.57 -43.27 -12.55
CA PHE B 60 15.14 -41.92 -12.26
C PHE B 60 13.61 -41.98 -12.17
N ILE B 61 13.00 -42.90 -12.95
CA ILE B 61 11.57 -43.18 -12.99
C ILE B 61 11.14 -43.77 -11.65
N GLU B 62 11.96 -44.69 -11.07
CA GLU B 62 11.70 -45.30 -9.76
C GLU B 62 11.78 -44.27 -8.65
N GLU B 63 12.70 -43.28 -8.80
CA GLU B 63 12.88 -42.16 -7.88
C GLU B 63 11.72 -41.17 -8.07
N ALA B 64 11.16 -41.09 -9.30
CA ALA B 64 10.05 -40.21 -9.65
C ALA B 64 8.74 -40.71 -9.02
N LYS B 65 8.57 -42.04 -8.92
CA LYS B 65 7.39 -42.67 -8.32
C LYS B 65 7.34 -42.34 -6.82
N VAL B 66 8.49 -42.46 -6.12
CA VAL B 66 8.69 -42.16 -4.69
C VAL B 66 8.37 -40.69 -4.43
N MET B 67 8.90 -39.81 -5.31
CA MET B 67 8.72 -38.35 -5.28
C MET B 67 7.26 -37.96 -5.48
N MET B 68 6.52 -38.71 -6.32
CA MET B 68 5.10 -38.47 -6.58
C MET B 68 4.23 -38.83 -5.40
N ASN B 69 4.56 -39.94 -4.69
CA ASN B 69 3.83 -40.45 -3.53
C ASN B 69 3.76 -39.46 -2.39
N LEU B 70 4.81 -38.65 -2.21
CA LEU B 70 4.88 -37.62 -1.16
C LEU B 70 3.92 -36.48 -1.50
N SER B 71 2.96 -36.23 -0.59
CA SER B 71 1.97 -35.17 -0.78
C SER B 71 1.76 -34.40 0.52
N HIS B 72 1.97 -33.08 0.46
CA HIS B 72 1.79 -32.17 1.60
C HIS B 72 1.39 -30.78 1.11
N GLU B 73 0.56 -30.07 1.92
CA GLU B 73 0.04 -28.73 1.64
C GLU B 73 1.12 -27.63 1.60
N LYS B 74 2.36 -27.96 2.00
CA LYS B 74 3.50 -27.05 2.02
C LYS B 74 4.70 -27.63 1.23
N LEU B 75 4.46 -28.71 0.49
CA LEU B 75 5.44 -29.42 -0.34
C LEU B 75 5.00 -29.34 -1.79
N VAL B 76 5.94 -29.02 -2.71
CA VAL B 76 5.67 -28.90 -4.15
C VAL B 76 5.21 -30.25 -4.71
N GLN B 77 3.93 -30.30 -5.12
CA GLN B 77 3.30 -31.50 -5.65
C GLN B 77 3.78 -31.85 -7.05
N LEU B 78 4.20 -33.11 -7.24
CA LEU B 78 4.68 -33.64 -8.52
C LEU B 78 3.54 -34.40 -9.20
N TYR B 79 3.28 -34.08 -10.48
CA TYR B 79 2.20 -34.70 -11.23
C TYR B 79 2.65 -35.83 -12.18
N GLY B 80 3.93 -35.84 -12.57
CA GLY B 80 4.45 -36.89 -13.43
C GLY B 80 5.62 -36.51 -14.33
N VAL B 81 6.11 -37.51 -15.09
CA VAL B 81 7.24 -37.38 -16.01
C VAL B 81 6.84 -37.70 -17.46
N CYS B 82 7.70 -37.31 -18.43
CA CYS B 82 7.52 -37.56 -19.86
C CYS B 82 8.83 -38.11 -20.43
N THR B 83 9.08 -39.41 -20.16
CA THR B 83 10.29 -40.13 -20.60
C THR B 83 10.20 -40.58 -22.07
N LYS B 84 8.99 -40.47 -22.69
CA LYS B 84 8.70 -40.84 -24.08
C LYS B 84 9.65 -40.18 -25.09
N GLN B 85 9.92 -38.88 -24.91
CA GLN B 85 10.83 -38.11 -25.76
C GLN B 85 11.83 -37.31 -24.93
N ARG B 86 13.00 -37.01 -25.51
CA ARG B 86 14.02 -36.22 -24.82
C ARG B 86 13.93 -34.74 -25.23
N PRO B 87 14.01 -33.77 -24.29
CA PRO B 87 14.23 -33.90 -22.84
C PRO B 87 12.99 -34.33 -22.06
N ILE B 88 13.20 -34.82 -20.82
CA ILE B 88 12.13 -35.28 -19.94
C ILE B 88 11.39 -34.07 -19.36
N PHE B 89 10.05 -34.11 -19.39
CA PHE B 89 9.21 -33.02 -18.89
C PHE B 89 8.75 -33.35 -17.46
N ILE B 90 9.14 -32.51 -16.48
CA ILE B 90 8.75 -32.67 -15.09
C ILE B 90 7.53 -31.78 -14.88
N ILE B 91 6.34 -32.40 -14.75
CA ILE B 91 5.07 -31.68 -14.60
C ILE B 91 4.74 -31.56 -13.12
N THR B 92 4.71 -30.31 -12.61
CA THR B 92 4.43 -30.03 -11.20
C THR B 92 3.41 -28.91 -11.01
N GLU B 93 3.06 -28.64 -9.74
CA GLU B 93 2.15 -27.61 -9.26
C GLU B 93 2.70 -26.24 -9.67
N TYR B 94 1.83 -25.32 -10.12
CA TYR B 94 2.29 -23.99 -10.54
C TYR B 94 2.34 -23.01 -9.37
N MET B 95 3.47 -22.27 -9.27
CA MET B 95 3.75 -21.28 -8.24
C MET B 95 3.90 -19.93 -8.93
N ALA B 96 2.84 -19.09 -8.87
CA ALA B 96 2.75 -17.78 -9.53
C ALA B 96 3.86 -16.81 -9.17
N ASN B 97 4.32 -16.80 -7.90
CA ASN B 97 5.36 -15.88 -7.44
C ASN B 97 6.80 -16.43 -7.61
N GLY B 98 6.93 -17.64 -8.16
CA GLY B 98 8.19 -18.28 -8.48
C GLY B 98 9.10 -18.60 -7.30
N CYS B 99 10.41 -18.42 -7.50
CA CYS B 99 11.48 -18.68 -6.52
C CYS B 99 11.36 -17.79 -5.27
N LEU B 100 11.52 -18.38 -4.06
CA LEU B 100 11.45 -17.70 -2.76
C LEU B 100 12.58 -16.67 -2.59
N LEU B 101 13.80 -17.04 -3.02
CA LEU B 101 15.01 -16.21 -2.97
C LEU B 101 14.77 -14.86 -3.67
N ASN B 102 14.17 -14.89 -4.88
CA ASN B 102 13.83 -13.72 -5.67
C ASN B 102 12.63 -12.99 -5.06
N TYR B 103 11.65 -13.76 -4.53
CA TYR B 103 10.43 -13.25 -3.87
C TYR B 103 10.78 -12.42 -2.63
N LEU B 104 11.86 -12.81 -1.93
CA LEU B 104 12.36 -12.10 -0.75
C LEU B 104 13.12 -10.84 -1.16
N ARG B 105 13.94 -10.95 -2.23
CA ARG B 105 14.75 -9.85 -2.77
C ARG B 105 13.91 -8.72 -3.39
N GLU B 106 12.68 -9.03 -3.85
CA GLU B 106 11.76 -8.04 -4.41
C GLU B 106 11.13 -7.23 -3.26
N MET B 107 11.64 -6.00 -3.04
CA MET B 107 11.21 -5.09 -1.98
C MET B 107 9.81 -4.50 -2.18
N ARG B 108 9.21 -4.68 -3.39
CA ARG B 108 7.88 -4.19 -3.77
C ARG B 108 6.75 -4.69 -2.86
N HIS B 109 6.98 -5.84 -2.18
CA HIS B 109 6.02 -6.46 -1.26
C HIS B 109 6.02 -5.78 0.12
N ARG B 110 7.23 -5.39 0.61
CA ARG B 110 7.46 -4.75 1.92
C ARG B 110 6.93 -5.62 3.06
N PHE B 111 7.62 -6.73 3.33
CA PHE B 111 7.25 -7.74 4.34
C PHE B 111 7.34 -7.25 5.78
N GLN B 112 6.51 -7.86 6.65
CA GLN B 112 6.45 -7.61 8.09
C GLN B 112 7.08 -8.79 8.83
N THR B 113 7.49 -8.57 10.10
CA THR B 113 8.13 -9.59 10.96
C THR B 113 7.22 -10.79 11.21
N GLN B 114 5.90 -10.55 11.31
CA GLN B 114 4.88 -11.58 11.52
C GLN B 114 4.67 -12.43 10.27
N GLN B 115 4.92 -11.85 9.08
CA GLN B 115 4.78 -12.51 7.79
C GLN B 115 5.96 -13.43 7.47
N LEU B 116 7.18 -13.04 7.92
CA LEU B 116 8.41 -13.81 7.70
C LEU B 116 8.41 -15.13 8.49
N LEU B 117 7.77 -15.12 9.68
CA LEU B 117 7.66 -16.29 10.56
C LEU B 117 6.71 -17.33 9.96
N GLU B 118 5.77 -16.88 9.10
CA GLU B 118 4.82 -17.74 8.39
C GLU B 118 5.57 -18.56 7.33
N MET B 119 6.58 -17.94 6.69
CA MET B 119 7.44 -18.55 5.68
C MET B 119 8.27 -19.68 6.28
N CYS B 120 8.82 -19.46 7.49
CA CYS B 120 9.60 -20.44 8.24
C CYS B 120 8.70 -21.58 8.70
N LYS B 121 7.45 -21.25 9.11
CA LYS B 121 6.42 -22.21 9.53
C LYS B 121 6.01 -23.09 8.34
N ASP B 122 5.85 -22.48 7.16
CA ASP B 122 5.49 -23.17 5.92
C ASP B 122 6.57 -24.20 5.53
N VAL B 123 7.86 -23.83 5.67
CA VAL B 123 8.98 -24.72 5.36
C VAL B 123 9.15 -25.81 6.42
N CYS B 124 9.04 -25.44 7.71
CA CYS B 124 9.20 -26.39 8.82
C CYS B 124 8.16 -27.51 8.80
N GLU B 125 6.92 -27.23 8.34
CA GLU B 125 5.85 -28.22 8.24
C GLU B 125 6.17 -29.23 7.13
N ALA B 126 6.64 -28.74 5.98
CA ALA B 126 7.02 -29.55 4.81
C ALA B 126 8.25 -30.41 5.09
N MET B 127 9.23 -29.87 5.84
CA MET B 127 10.45 -30.58 6.20
C MET B 127 10.17 -31.63 7.26
N GLU B 128 9.12 -31.42 8.10
CA GLU B 128 8.67 -32.35 9.13
C GLU B 128 8.09 -33.60 8.43
N TYR B 129 7.41 -33.38 7.29
CA TYR B 129 6.80 -34.43 6.46
C TYR B 129 7.87 -35.33 5.83
N LEU B 130 8.92 -34.74 5.22
CA LEU B 130 10.01 -35.49 4.58
C LEU B 130 10.86 -36.26 5.58
N GLU B 131 11.00 -35.72 6.80
CA GLU B 131 11.74 -36.31 7.92
C GLU B 131 11.04 -37.59 8.40
N SER B 132 9.71 -37.52 8.60
CA SER B 132 8.86 -38.65 9.04
C SER B 132 8.79 -39.74 7.98
N LYS B 133 8.91 -39.35 6.70
CA LYS B 133 8.88 -40.27 5.55
C LYS B 133 10.30 -40.80 5.21
N GLN B 134 11.32 -40.51 6.07
CA GLN B 134 12.73 -40.91 5.95
C GLN B 134 13.42 -40.42 4.65
N PHE B 135 12.84 -39.36 4.03
CA PHE B 135 13.33 -38.73 2.79
C PHE B 135 14.34 -37.63 3.09
N LEU B 136 15.36 -37.49 2.22
CA LEU B 136 16.38 -36.47 2.38
C LEU B 136 16.45 -35.50 1.21
N HIS B 137 16.37 -34.19 1.52
CA HIS B 137 16.43 -33.08 0.55
C HIS B 137 17.86 -32.91 0.04
N ARG B 138 18.82 -32.79 1.00
CA ARG B 138 20.27 -32.62 0.82
C ARG B 138 20.68 -31.24 0.26
N ASP B 139 19.74 -30.45 -0.28
CA ASP B 139 20.02 -29.12 -0.83
C ASP B 139 18.95 -28.08 -0.46
N LEU B 140 18.67 -27.93 0.85
CA LEU B 140 17.67 -26.99 1.32
C LEU B 140 18.22 -25.56 1.38
N ALA B 141 17.58 -24.62 0.65
CA ALA B 141 17.92 -23.20 0.56
C ALA B 141 16.72 -22.40 0.05
N ALA B 142 16.82 -21.05 0.02
CA ALA B 142 15.74 -20.18 -0.47
C ALA B 142 15.59 -20.29 -1.99
N ARG B 143 16.69 -20.63 -2.69
CA ARG B 143 16.74 -20.85 -4.14
C ARG B 143 15.97 -22.12 -4.50
N ASN B 144 16.03 -23.14 -3.63
CA ASN B 144 15.36 -24.43 -3.79
C ASN B 144 13.91 -24.44 -3.27
N CYS B 145 13.36 -23.26 -2.93
CA CYS B 145 11.99 -23.11 -2.45
C CYS B 145 11.16 -22.28 -3.42
N LEU B 146 9.83 -22.53 -3.45
CA LEU B 146 8.91 -21.82 -4.32
C LEU B 146 7.77 -21.17 -3.55
N VAL B 147 7.25 -20.05 -4.06
CA VAL B 147 6.17 -19.28 -3.45
C VAL B 147 4.99 -19.21 -4.44
N ASN B 148 3.79 -19.61 -4.00
CA ASN B 148 2.57 -19.60 -4.81
C ASN B 148 1.97 -18.19 -4.91
N ASP B 149 0.78 -18.08 -5.50
CA ASP B 149 0.02 -16.83 -5.67
C ASP B 149 -0.38 -16.20 -4.34
N GLN B 150 -0.71 -17.04 -3.34
CA GLN B 150 -1.15 -16.61 -2.00
C GLN B 150 0.01 -16.34 -1.02
N GLY B 151 1.25 -16.36 -1.51
CA GLY B 151 2.44 -16.12 -0.72
C GLY B 151 2.87 -17.26 0.16
N VAL B 152 2.29 -18.46 -0.05
CA VAL B 152 2.60 -19.67 0.71
C VAL B 152 3.88 -20.29 0.15
N VAL B 153 4.88 -20.47 1.01
CA VAL B 153 6.18 -21.05 0.67
C VAL B 153 6.12 -22.58 0.67
N LYS B 154 6.64 -23.21 -0.39
CA LYS B 154 6.70 -24.65 -0.54
C LYS B 154 8.11 -25.14 -0.88
N VAL B 155 8.47 -26.32 -0.36
CA VAL B 155 9.76 -26.96 -0.56
C VAL B 155 9.78 -27.68 -1.93
N SER B 156 10.79 -27.35 -2.77
CA SER B 156 10.96 -27.93 -4.11
C SER B 156 12.36 -28.54 -4.31
N ASP B 157 12.59 -29.18 -5.48
CA ASP B 157 13.85 -29.82 -5.90
C ASP B 157 14.39 -30.83 -4.85
N PHE B 158 13.49 -31.38 -4.03
CA PHE B 158 13.73 -32.38 -2.99
C PHE B 158 14.08 -33.70 -3.65
N GLY B 159 15.22 -34.28 -3.27
CA GLY B 159 15.72 -35.54 -3.83
C GLY B 159 16.38 -35.42 -5.20
N LEU B 160 16.03 -34.36 -5.97
CA LEU B 160 16.55 -34.07 -7.30
C LEU B 160 17.98 -33.46 -7.27
N SER B 161 18.56 -33.30 -6.05
CA SER B 161 19.92 -32.79 -5.82
C SER B 161 20.92 -33.88 -6.23
N ARG B 162 20.50 -35.16 -6.06
CA ARG B 162 21.23 -36.40 -6.40
C ARG B 162 21.44 -36.47 -7.92
N TYR B 163 20.42 -36.00 -8.71
CA TYR B 163 20.43 -35.92 -10.17
C TYR B 163 21.48 -34.90 -10.62
N VAL B 164 21.66 -33.81 -9.84
CA VAL B 164 22.64 -32.76 -10.09
C VAL B 164 23.89 -32.98 -9.20
N PHE B 177 28.99 -25.62 -5.48
CA PHE B 177 28.59 -26.43 -4.32
C PHE B 177 27.93 -25.56 -3.24
N PRO B 178 26.84 -26.03 -2.57
CA PRO B 178 26.22 -25.22 -1.51
C PRO B 178 27.03 -25.31 -0.20
N VAL B 179 28.18 -24.61 -0.18
CA VAL B 179 29.14 -24.54 0.93
C VAL B 179 28.51 -23.92 2.19
N ARG B 180 27.86 -22.76 2.01
CA ARG B 180 27.21 -21.95 3.03
C ARG B 180 26.08 -22.66 3.79
N TRP B 181 25.30 -23.50 3.07
CA TRP B 181 24.18 -24.28 3.61
C TRP B 181 24.60 -25.65 4.18
N SER B 182 25.89 -25.97 4.07
CA SER B 182 26.44 -27.25 4.54
C SER B 182 26.97 -27.20 5.97
N PRO B 183 26.62 -28.18 6.83
CA PRO B 183 27.18 -28.23 8.18
C PRO B 183 28.65 -28.71 8.18
N PRO B 184 29.43 -28.55 9.28
CA PRO B 184 30.84 -28.98 9.24
C PRO B 184 31.10 -30.46 8.95
N GLU B 185 30.17 -31.36 9.37
CA GLU B 185 30.32 -32.80 9.11
C GLU B 185 30.17 -33.15 7.62
N VAL B 186 29.44 -32.30 6.86
CA VAL B 186 29.20 -32.42 5.42
C VAL B 186 30.36 -31.75 4.66
N LEU B 187 30.90 -30.66 5.21
CA LEU B 187 32.03 -29.94 4.61
C LEU B 187 33.32 -30.76 4.71
N MET B 188 33.48 -31.54 5.80
CA MET B 188 34.67 -32.34 6.06
C MET B 188 34.58 -33.81 5.62
N TYR B 189 33.49 -34.52 5.98
CA TYR B 189 33.37 -35.95 5.69
C TYR B 189 32.22 -36.33 4.74
N SER B 190 31.40 -35.34 4.32
CA SER B 190 30.23 -35.48 3.43
C SER B 190 29.15 -36.42 4.02
N LYS B 191 28.99 -36.40 5.36
CA LYS B 191 28.00 -37.21 6.08
C LYS B 191 26.62 -36.54 6.07
N PHE B 192 25.84 -36.79 5.01
CA PHE B 192 24.49 -36.26 4.83
C PHE B 192 23.49 -37.02 5.70
N SER B 193 22.86 -36.31 6.64
CA SER B 193 21.89 -36.86 7.57
C SER B 193 20.62 -36.01 7.60
N SER B 194 19.70 -36.29 8.54
CA SER B 194 18.48 -35.50 8.74
C SER B 194 18.90 -34.15 9.33
N LYS B 195 19.97 -34.20 10.16
CA LYS B 195 20.58 -33.06 10.84
C LYS B 195 21.29 -32.12 9.86
N SER B 196 21.70 -32.64 8.67
CA SER B 196 22.34 -31.83 7.63
C SER B 196 21.32 -30.87 7.01
N ASP B 197 20.04 -31.30 6.94
CA ASP B 197 18.91 -30.53 6.44
C ASP B 197 18.44 -29.54 7.51
N ILE B 198 18.66 -29.88 8.81
CA ILE B 198 18.33 -29.04 9.98
C ILE B 198 19.19 -27.79 9.90
N TRP B 199 20.52 -27.97 9.70
CA TRP B 199 21.51 -26.91 9.55
C TRP B 199 21.13 -26.03 8.36
N ALA B 200 20.79 -26.67 7.22
CA ALA B 200 20.37 -26.00 5.98
C ALA B 200 19.09 -25.19 6.19
N PHE B 201 18.17 -25.66 7.06
CA PHE B 201 16.93 -24.95 7.41
C PHE B 201 17.23 -23.68 8.20
N GLY B 202 18.25 -23.74 9.06
CA GLY B 202 18.72 -22.62 9.86
C GLY B 202 19.26 -21.49 9.00
N VAL B 203 20.10 -21.83 8.00
CA VAL B 203 20.69 -20.90 7.03
C VAL B 203 19.56 -20.28 6.18
N LEU B 204 18.54 -21.10 5.85
CA LEU B 204 17.34 -20.70 5.13
C LEU B 204 16.47 -19.76 5.98
N MET B 205 16.41 -20.01 7.29
CA MET B 205 15.68 -19.18 8.26
C MET B 205 16.35 -17.82 8.34
N TRP B 206 17.70 -17.81 8.28
CA TRP B 206 18.51 -16.59 8.27
C TRP B 206 18.24 -15.86 6.95
N GLU B 207 18.22 -16.60 5.81
CA GLU B 207 17.95 -16.08 4.46
C GLU B 207 16.63 -15.31 4.42
N ILE B 208 15.57 -15.89 5.03
CA ILE B 208 14.22 -15.33 5.11
C ILE B 208 14.22 -14.00 5.88
N TYR B 209 14.80 -14.00 7.10
CA TYR B 209 14.84 -12.80 7.95
C TYR B 209 15.86 -11.73 7.48
N SER B 210 16.83 -12.11 6.64
CA SER B 210 17.82 -11.17 6.09
C SER B 210 17.36 -10.64 4.72
N LEU B 211 16.10 -10.96 4.33
CA LEU B 211 15.43 -10.58 3.08
C LEU B 211 16.20 -11.01 1.83
N GLY B 212 16.55 -12.30 1.79
CA GLY B 212 17.25 -12.93 0.67
C GLY B 212 18.72 -12.59 0.51
N LYS B 213 19.36 -12.08 1.59
CA LYS B 213 20.78 -11.73 1.57
C LYS B 213 21.62 -13.02 1.50
N MET B 214 22.78 -12.96 0.83
CA MET B 214 23.70 -14.09 0.67
C MET B 214 24.39 -14.39 2.01
N PRO B 215 24.30 -15.64 2.52
CA PRO B 215 24.95 -15.96 3.81
C PRO B 215 26.48 -15.88 3.71
N TYR B 216 27.13 -15.25 4.72
CA TYR B 216 28.59 -15.03 4.78
C TYR B 216 29.09 -14.35 3.48
N GLU B 217 28.33 -13.33 2.99
CA GLU B 217 28.58 -12.58 1.75
C GLU B 217 29.97 -11.97 1.64
N ARG B 218 30.52 -11.47 2.76
CA ARG B 218 31.84 -10.84 2.80
C ARG B 218 33.00 -11.88 2.82
N PHE B 219 32.72 -13.11 2.36
CA PHE B 219 33.68 -14.22 2.28
C PHE B 219 33.45 -15.04 1.00
N THR B 220 34.53 -15.65 0.48
CA THR B 220 34.45 -16.51 -0.72
C THR B 220 34.04 -17.91 -0.29
N ASN B 221 33.58 -18.76 -1.25
CA ASN B 221 33.23 -20.16 -0.98
C ASN B 221 34.42 -20.96 -0.41
N SER B 222 35.64 -20.63 -0.84
CA SER B 222 36.89 -21.23 -0.38
C SER B 222 37.16 -20.83 1.08
N GLU B 223 36.91 -19.54 1.43
CA GLU B 223 37.10 -18.99 2.78
C GLU B 223 36.03 -19.48 3.76
N THR B 224 34.74 -19.46 3.35
CA THR B 224 33.57 -19.84 4.15
C THR B 224 33.74 -21.24 4.77
N ALA B 225 34.15 -22.24 3.95
CA ALA B 225 34.39 -23.62 4.36
C ALA B 225 35.40 -23.74 5.52
N GLU B 226 36.43 -22.89 5.50
CA GLU B 226 37.48 -22.85 6.53
C GLU B 226 36.96 -22.20 7.82
N HIS B 227 36.13 -21.15 7.69
CA HIS B 227 35.56 -20.40 8.81
C HIS B 227 34.52 -21.18 9.61
N ILE B 228 33.70 -21.99 8.93
CA ILE B 228 32.68 -22.83 9.58
C ILE B 228 33.39 -23.91 10.42
N ALA B 229 34.52 -24.44 9.90
CA ALA B 229 35.36 -25.42 10.56
C ALA B 229 35.97 -24.88 11.85
N GLN B 230 36.19 -23.55 11.91
CA GLN B 230 36.75 -22.86 13.08
C GLN B 230 35.67 -22.48 14.12
N GLY B 231 34.40 -22.49 13.70
CA GLY B 231 33.27 -22.20 14.57
C GLY B 231 32.47 -20.95 14.26
N LEU B 232 32.60 -20.38 13.05
CA LEU B 232 31.86 -19.19 12.66
C LEU B 232 30.40 -19.52 12.34
N ARG B 233 29.47 -18.71 12.88
CA ARG B 233 28.03 -18.85 12.66
C ARG B 233 27.46 -17.51 12.20
N LEU B 234 26.26 -17.54 11.57
CA LEU B 234 25.60 -16.33 11.08
C LEU B 234 25.08 -15.46 12.22
N TYR B 235 25.28 -14.14 12.10
CA TYR B 235 24.83 -13.11 13.03
C TYR B 235 23.30 -12.99 12.97
N ARG B 236 22.67 -12.43 14.02
CA ARG B 236 21.22 -12.24 14.03
C ARG B 236 20.81 -11.14 13.04
N PRO B 237 19.86 -11.40 12.10
CA PRO B 237 19.42 -10.34 11.17
C PRO B 237 18.63 -9.26 11.91
N HIS B 238 18.70 -8.01 11.44
CA HIS B 238 18.05 -6.85 12.06
C HIS B 238 16.52 -6.91 12.10
N LEU B 239 15.90 -7.82 11.33
CA LEU B 239 14.45 -8.02 11.27
C LEU B 239 13.99 -9.18 12.20
N ALA B 240 14.95 -10.00 12.68
CA ALA B 240 14.68 -11.15 13.55
C ALA B 240 14.81 -10.81 15.03
N SER B 241 13.85 -11.26 15.84
CA SER B 241 13.85 -11.07 17.30
C SER B 241 14.81 -12.05 17.96
N GLU B 242 15.11 -11.84 19.26
CA GLU B 242 16.00 -12.70 20.02
C GLU B 242 15.41 -14.09 20.27
N LYS B 243 14.07 -14.20 20.28
CA LYS B 243 13.34 -15.47 20.46
C LYS B 243 13.44 -16.30 19.18
N VAL B 244 13.34 -15.65 18.01
CA VAL B 244 13.42 -16.25 16.67
C VAL B 244 14.85 -16.75 16.39
N TYR B 245 15.87 -15.92 16.74
CA TYR B 245 17.28 -16.23 16.54
C TYR B 245 17.74 -17.50 17.25
N THR B 246 17.21 -17.77 18.46
CA THR B 246 17.54 -18.97 19.24
C THR B 246 17.16 -20.24 18.46
N ILE B 247 16.01 -20.20 17.74
CA ILE B 247 15.49 -21.28 16.90
C ILE B 247 16.42 -21.60 15.73
N MET B 248 16.83 -20.57 14.95
CA MET B 248 17.72 -20.78 13.80
C MET B 248 19.16 -21.14 14.25
N TYR B 249 19.59 -20.69 15.44
CA TYR B 249 20.93 -20.97 16.00
C TYR B 249 21.03 -22.38 16.59
N SER B 250 19.89 -22.97 17.00
CA SER B 250 19.84 -24.33 17.55
C SER B 250 20.17 -25.35 16.46
N CYS B 251 19.91 -24.98 15.19
CA CYS B 251 20.19 -25.76 13.99
C CYS B 251 21.69 -25.80 13.74
N TRP B 252 22.42 -24.76 14.20
CA TRP B 252 23.84 -24.59 13.97
C TRP B 252 24.75 -25.12 15.10
N HIS B 253 24.47 -26.33 15.60
CA HIS B 253 25.28 -26.99 16.63
C HIS B 253 26.46 -27.69 15.96
N GLU B 254 27.66 -27.63 16.56
CA GLU B 254 28.86 -28.28 16.02
C GLU B 254 28.69 -29.81 16.12
N LYS B 255 28.30 -30.31 17.31
CA LYS B 255 28.04 -31.72 17.55
C LYS B 255 26.65 -32.03 16.95
N ALA B 256 26.65 -32.67 15.75
CA ALA B 256 25.46 -33.03 14.96
C ALA B 256 24.34 -33.74 15.74
N ASP B 257 24.70 -34.61 16.69
CA ASP B 257 23.73 -35.36 17.49
C ASP B 257 22.98 -34.47 18.52
N GLU B 258 23.46 -33.23 18.78
CA GLU B 258 22.84 -32.29 19.72
C GLU B 258 21.78 -31.39 19.05
N ARG B 259 21.69 -31.42 17.71
CA ARG B 259 20.74 -30.64 16.91
C ARG B 259 19.29 -31.16 17.08
N PRO B 260 18.25 -30.28 17.01
CA PRO B 260 16.88 -30.77 17.16
C PRO B 260 16.31 -31.39 15.89
N THR B 261 15.11 -32.00 15.98
CA THR B 261 14.39 -32.58 14.84
C THR B 261 13.40 -31.51 14.37
N PHE B 262 12.86 -31.66 13.13
CA PHE B 262 11.89 -30.72 12.57
C PHE B 262 10.62 -30.60 13.42
N LYS B 263 10.26 -31.66 14.16
CA LYS B 263 9.12 -31.70 15.08
C LYS B 263 9.36 -30.76 16.26
N ILE B 264 10.60 -30.80 16.83
CA ILE B 264 11.05 -29.96 17.94
C ILE B 264 11.11 -28.50 17.46
N LEU B 265 11.65 -28.29 16.24
CA LEU B 265 11.78 -26.98 15.61
C LEU B 265 10.43 -26.32 15.36
N LEU B 266 9.45 -27.08 14.83
CA LEU B 266 8.10 -26.58 14.53
C LEU B 266 7.36 -26.10 15.78
N SER B 267 7.40 -26.91 16.87
CA SER B 267 6.76 -26.61 18.16
C SER B 267 7.23 -25.28 18.76
N ASN B 268 8.52 -24.94 18.56
CA ASN B 268 9.13 -23.69 19.02
C ASN B 268 8.72 -22.50 18.15
N ILE B 269 8.52 -22.75 16.84
CA ILE B 269 8.07 -21.73 15.87
C ILE B 269 6.64 -21.31 16.19
N LEU B 270 5.75 -22.30 16.49
CA LEU B 270 4.36 -22.05 16.86
C LEU B 270 4.25 -21.30 18.20
N ASP B 271 5.23 -21.54 19.11
CA ASP B 271 5.32 -20.89 20.43
C ASP B 271 5.56 -19.39 20.27
N VAL B 272 6.56 -19.02 19.43
CA VAL B 272 6.92 -17.62 19.15
C VAL B 272 5.80 -16.96 18.30
N MET B 273 4.98 -17.77 17.60
CA MET B 273 3.87 -17.30 16.78
C MET B 273 2.69 -16.77 17.62
N ASP B 274 2.61 -17.16 18.91
CA ASP B 274 1.56 -16.75 19.84
C ASP B 274 1.79 -15.34 20.45
N GLU B 275 2.40 -14.43 19.66
CA GLU B 275 2.69 -13.05 20.05
C GLU B 275 2.07 -12.07 19.07
N TRP C 13 -7.44 -1.89 26.50
CA TRP C 13 -7.73 -1.08 25.33
C TRP C 13 -8.49 -1.86 24.24
N GLU C 14 -8.15 -3.16 24.07
CA GLU C 14 -8.79 -4.04 23.10
C GLU C 14 -9.79 -4.95 23.81
N ILE C 15 -10.87 -5.35 23.10
CA ILE C 15 -11.93 -6.19 23.67
C ILE C 15 -11.90 -7.62 23.11
N ASP C 16 -11.99 -8.61 24.02
CA ASP C 16 -12.05 -10.05 23.70
C ASP C 16 -13.48 -10.37 23.24
N PRO C 17 -13.68 -10.96 22.03
CA PRO C 17 -15.05 -11.27 21.56
C PRO C 17 -15.88 -12.17 22.47
N LYS C 18 -15.24 -12.83 23.47
CA LYS C 18 -15.91 -13.69 24.45
C LYS C 18 -16.72 -12.84 25.45
N ASP C 19 -16.36 -11.54 25.58
CA ASP C 19 -17.03 -10.56 26.46
C ASP C 19 -18.22 -9.87 25.76
N LEU C 20 -18.32 -10.05 24.43
CA LEU C 20 -19.39 -9.46 23.61
C LEU C 20 -20.62 -10.34 23.44
N THR C 21 -21.74 -9.70 23.02
CA THR C 21 -23.04 -10.30 22.77
C THR C 21 -23.68 -9.51 21.61
N PHE C 22 -24.31 -10.22 20.66
CA PHE C 22 -24.99 -9.58 19.52
C PHE C 22 -26.50 -9.78 19.68
N LEU C 23 -27.23 -8.66 19.78
CA LEU C 23 -28.67 -8.69 20.02
C LEU C 23 -29.55 -8.31 18.82
N LYS C 24 -29.41 -7.07 18.28
CA LYS C 24 -30.21 -6.61 17.15
C LYS C 24 -29.42 -5.70 16.23
N GLU C 25 -29.47 -5.98 14.91
CA GLU C 25 -28.78 -5.18 13.88
C GLU C 25 -29.47 -3.83 13.71
N LEU C 26 -28.67 -2.75 13.59
CA LEU C 26 -29.15 -1.37 13.42
C LEU C 26 -29.21 -0.95 11.94
N GLY C 27 -28.58 -1.74 11.05
CA GLY C 27 -28.54 -1.50 9.62
C GLY C 27 -27.14 -1.22 9.10
N THR C 28 -27.02 -1.09 7.76
CA THR C 28 -25.76 -0.83 7.08
C THR C 28 -25.55 0.69 6.94
N GLY C 29 -24.87 1.27 7.93
CA GLY C 29 -24.56 2.69 7.99
C GLY C 29 -23.32 3.06 7.20
N GLN C 30 -22.90 4.34 7.29
CA GLN C 30 -21.70 4.85 6.63
C GLN C 30 -20.47 4.20 7.25
N PHE C 31 -19.49 3.78 6.40
CA PHE C 31 -18.22 3.11 6.75
C PHE C 31 -18.38 1.59 7.04
N GLY C 32 -19.56 1.17 7.47
CA GLY C 32 -19.82 -0.24 7.77
C GLY C 32 -21.13 -0.57 8.46
N VAL C 33 -21.39 -1.88 8.62
CA VAL C 33 -22.59 -2.46 9.26
C VAL C 33 -22.52 -2.30 10.78
N VAL C 34 -23.65 -1.91 11.41
CA VAL C 34 -23.76 -1.67 12.86
C VAL C 34 -24.74 -2.67 13.52
N LYS C 35 -24.36 -3.23 14.69
CA LYS C 35 -25.15 -4.19 15.47
C LYS C 35 -25.18 -3.80 16.96
N TYR C 36 -26.38 -3.72 17.56
CA TYR C 36 -26.56 -3.41 18.98
C TYR C 36 -26.33 -4.67 19.83
N GLY C 37 -25.61 -4.52 20.94
CA GLY C 37 -25.32 -5.61 21.85
C GLY C 37 -24.91 -5.22 23.25
N LYS C 38 -24.27 -6.17 23.98
CA LYS C 38 -23.82 -5.99 25.37
C LYS C 38 -22.32 -6.32 25.54
N TRP C 39 -21.56 -5.40 26.17
CA TRP C 39 -20.13 -5.56 26.44
C TRP C 39 -19.90 -5.98 27.89
N ARG C 40 -18.95 -6.91 28.12
CA ARG C 40 -18.60 -7.51 29.41
C ARG C 40 -19.84 -8.21 30.03
N GLY C 41 -20.80 -8.52 29.17
CA GLY C 41 -22.07 -9.15 29.51
C GLY C 41 -22.95 -8.35 30.45
N GLN C 42 -22.96 -7.00 30.30
CA GLN C 42 -23.74 -6.11 31.17
C GLN C 42 -24.04 -4.71 30.61
N TYR C 43 -23.04 -4.04 29.98
CA TYR C 43 -23.20 -2.68 29.48
C TYR C 43 -23.75 -2.59 28.05
N ASP C 44 -24.69 -1.63 27.82
CA ASP C 44 -25.31 -1.37 26.52
C ASP C 44 -24.28 -0.79 25.55
N VAL C 45 -24.09 -1.45 24.39
CA VAL C 45 -23.13 -1.03 23.35
C VAL C 45 -23.66 -1.15 21.91
N ALA C 46 -22.99 -0.46 20.98
CA ALA C 46 -23.24 -0.46 19.54
C ALA C 46 -21.93 -0.83 18.85
N ILE C 47 -21.93 -1.96 18.12
CA ILE C 47 -20.77 -2.53 17.45
C ILE C 47 -20.79 -2.23 15.95
N LYS C 48 -19.81 -1.43 15.48
CA LYS C 48 -19.67 -1.01 14.08
C LYS C 48 -18.53 -1.76 13.39
N MET C 49 -18.88 -2.62 12.43
CA MET C 49 -17.93 -3.44 11.67
C MET C 49 -17.45 -2.64 10.46
N ILE C 50 -16.19 -2.19 10.50
CA ILE C 50 -15.57 -1.40 9.42
C ILE C 50 -15.31 -2.34 8.23
N LYS C 51 -16.04 -2.11 7.12
CA LYS C 51 -15.99 -2.87 5.86
C LYS C 51 -14.54 -3.19 5.45
N GLU C 52 -14.21 -4.50 5.38
CA GLU C 52 -12.87 -5.01 5.06
C GLU C 52 -12.32 -4.46 3.75
N GLY C 53 -11.22 -3.70 3.86
CA GLY C 53 -10.53 -3.11 2.72
C GLY C 53 -10.84 -1.65 2.41
N SER C 54 -11.95 -1.11 2.97
CA SER C 54 -12.37 0.28 2.75
C SER C 54 -11.40 1.32 3.33
N MET C 55 -10.81 1.01 4.50
CA MET C 55 -9.86 1.88 5.20
C MET C 55 -8.44 1.29 5.18
N SER C 56 -7.41 2.14 5.44
CA SER C 56 -6.01 1.72 5.50
C SER C 56 -5.80 0.92 6.79
N GLU C 57 -5.47 -0.39 6.65
CA GLU C 57 -5.28 -1.34 7.73
C GLU C 57 -4.24 -0.93 8.79
N ASP C 58 -3.01 -0.60 8.37
CA ASP C 58 -1.89 -0.24 9.26
C ASP C 58 -2.04 1.13 9.95
N GLU C 59 -2.54 2.15 9.22
CA GLU C 59 -2.69 3.52 9.73
C GLU C 59 -3.88 3.71 10.69
N PHE C 60 -5.04 3.06 10.40
CA PHE C 60 -6.28 3.12 11.20
C PHE C 60 -6.03 2.73 12.67
N ILE C 61 -5.40 1.56 12.92
CA ILE C 61 -5.10 1.02 14.25
C ILE C 61 -4.47 2.07 15.19
N GLU C 62 -3.50 2.86 14.68
CA GLU C 62 -2.84 3.91 15.45
C GLU C 62 -3.76 5.12 15.70
N GLU C 63 -4.67 5.43 14.74
CA GLU C 63 -5.63 6.53 14.84
C GLU C 63 -6.78 6.14 15.78
N ALA C 64 -7.12 4.83 15.82
CA ALA C 64 -8.16 4.26 16.66
C ALA C 64 -7.74 4.29 18.12
N LYS C 65 -6.40 4.22 18.37
CA LYS C 65 -5.80 4.28 19.70
C LYS C 65 -6.04 5.67 20.30
N VAL C 66 -5.73 6.74 19.54
CA VAL C 66 -5.92 8.13 19.96
C VAL C 66 -7.44 8.50 19.99
N MET C 67 -8.27 7.85 19.13
CA MET C 67 -9.73 8.06 19.09
C MET C 67 -10.37 7.55 20.38
N MET C 68 -9.86 6.44 20.91
CA MET C 68 -10.30 5.80 22.16
C MET C 68 -9.89 6.67 23.36
N ASN C 69 -8.72 7.34 23.27
CA ASN C 69 -8.16 8.22 24.30
C ASN C 69 -8.90 9.55 24.44
N LEU C 70 -9.67 9.96 23.41
CA LEU C 70 -10.48 11.19 23.42
C LEU C 70 -11.74 10.93 24.25
N SER C 71 -11.93 11.69 25.34
CA SER C 71 -13.09 11.50 26.22
C SER C 71 -13.81 12.81 26.61
N HIS C 72 -15.10 12.90 26.22
CA HIS C 72 -15.98 14.03 26.51
C HIS C 72 -17.44 13.54 26.60
N GLU C 73 -18.28 14.25 27.39
CA GLU C 73 -19.71 13.93 27.60
C GLU C 73 -20.50 13.94 26.29
N LYS C 74 -20.17 14.89 25.39
CA LYS C 74 -20.84 15.09 24.10
C LYS C 74 -20.17 14.33 22.93
N LEU C 75 -19.24 13.41 23.24
CA LEU C 75 -18.59 12.56 22.22
C LEU C 75 -18.98 11.11 22.42
N VAL C 76 -19.23 10.39 21.31
CA VAL C 76 -19.61 8.97 21.34
C VAL C 76 -18.37 8.19 21.81
N GLN C 77 -18.34 7.86 23.12
CA GLN C 77 -17.20 7.20 23.79
C GLN C 77 -16.89 5.81 23.25
N LEU C 78 -15.64 5.64 22.81
CA LEU C 78 -15.11 4.39 22.27
C LEU C 78 -14.68 3.47 23.41
N TYR C 79 -15.49 2.42 23.65
CA TYR C 79 -15.24 1.41 24.68
C TYR C 79 -14.09 0.45 24.33
N GLY C 80 -13.73 0.39 23.04
CA GLY C 80 -12.65 -0.45 22.54
C GLY C 80 -12.76 -0.93 21.11
N VAL C 81 -11.76 -1.70 20.65
CA VAL C 81 -11.68 -2.26 19.29
C VAL C 81 -11.53 -3.78 19.30
N CYS C 82 -11.63 -4.43 18.10
CA CYS C 82 -11.47 -5.86 17.88
C CYS C 82 -10.71 -6.07 16.57
N THR C 83 -9.39 -5.81 16.60
CA THR C 83 -8.50 -5.88 15.44
C THR C 83 -8.02 -7.31 15.11
N LYS C 84 -7.95 -8.22 16.11
CA LYS C 84 -7.50 -9.62 15.98
C LYS C 84 -8.19 -10.41 14.87
N GLN C 85 -9.46 -10.12 14.58
CA GLN C 85 -10.24 -10.78 13.54
C GLN C 85 -10.93 -9.75 12.65
N ARG C 86 -10.69 -9.82 11.32
CA ARG C 86 -11.28 -8.92 10.33
C ARG C 86 -12.72 -9.31 10.01
N PRO C 87 -13.66 -8.34 9.81
CA PRO C 87 -13.48 -6.87 9.83
C PRO C 87 -13.36 -6.28 11.23
N ILE C 88 -12.70 -5.10 11.34
CA ILE C 88 -12.46 -4.40 12.60
C ILE C 88 -13.78 -3.88 13.20
N PHE C 89 -14.02 -4.18 14.48
CA PHE C 89 -15.23 -3.78 15.20
C PHE C 89 -14.95 -2.55 16.08
N ILE C 90 -15.86 -1.56 16.10
CA ILE C 90 -15.75 -0.35 16.91
C ILE C 90 -16.87 -0.38 17.95
N ILE C 91 -16.50 -0.59 19.23
CA ILE C 91 -17.43 -0.68 20.36
C ILE C 91 -17.65 0.71 20.96
N THR C 92 -18.91 1.20 20.94
CA THR C 92 -19.27 2.53 21.48
C THR C 92 -20.56 2.50 22.30
N GLU C 93 -20.84 3.61 23.02
CA GLU C 93 -22.05 3.81 23.83
C GLU C 93 -23.31 3.77 22.96
N TYR C 94 -24.31 2.96 23.36
CA TYR C 94 -25.54 2.83 22.58
C TYR C 94 -26.40 4.09 22.63
N MET C 95 -26.50 4.76 21.47
CA MET C 95 -27.29 5.97 21.25
C MET C 95 -28.63 5.49 20.69
N ALA C 96 -29.60 5.29 21.60
CA ALA C 96 -30.93 4.75 21.36
C ALA C 96 -31.73 5.40 20.21
N ASN C 97 -31.72 6.75 20.10
CA ASN C 97 -32.49 7.46 19.06
C ASN C 97 -31.79 7.50 17.69
N GLY C 98 -30.56 6.98 17.62
CA GLY C 98 -29.78 6.87 16.39
C GLY C 98 -29.41 8.17 15.70
N CYS C 99 -29.22 8.10 14.37
CA CYS C 99 -28.82 9.19 13.46
C CYS C 99 -29.65 10.46 13.65
N LEU C 100 -28.97 11.62 13.79
CA LEU C 100 -29.57 12.94 13.97
C LEU C 100 -30.36 13.39 12.74
N LEU C 101 -29.84 13.14 11.52
CA LEU C 101 -30.48 13.49 10.25
C LEU C 101 -31.87 12.83 10.14
N ASN C 102 -31.98 11.57 10.57
CA ASN C 102 -33.23 10.80 10.59
C ASN C 102 -34.14 11.32 11.72
N TYR C 103 -33.54 11.60 12.91
CA TYR C 103 -34.20 12.11 14.12
C TYR C 103 -34.87 13.47 13.88
N LEU C 104 -34.22 14.36 13.09
CA LEU C 104 -34.75 15.68 12.75
C LEU C 104 -35.95 15.54 11.82
N ARG C 105 -35.87 14.60 10.87
CA ARG C 105 -36.92 14.28 9.88
C ARG C 105 -38.18 13.72 10.54
N GLU C 106 -38.03 13.03 11.69
CA GLU C 106 -39.13 12.48 12.48
C GLU C 106 -39.69 13.64 13.31
N MET C 107 -40.98 13.94 13.18
CA MET C 107 -41.62 15.05 13.89
C MET C 107 -42.70 14.60 14.90
N ARG C 108 -42.49 13.45 15.56
CA ARG C 108 -43.36 12.91 16.59
C ARG C 108 -43.15 13.67 17.91
N HIS C 109 -42.06 14.45 17.96
CA HIS C 109 -41.62 15.27 19.09
C HIS C 109 -42.18 16.70 18.97
N ARG C 110 -42.32 17.20 17.71
CA ARG C 110 -42.76 18.56 17.35
C ARG C 110 -41.90 19.60 18.08
N PHE C 111 -40.60 19.61 17.71
CA PHE C 111 -39.51 20.43 18.27
C PHE C 111 -39.83 21.89 18.53
N GLN C 112 -39.24 22.42 19.61
CA GLN C 112 -39.35 23.81 20.04
C GLN C 112 -37.99 24.49 19.75
N THR C 113 -38.01 25.80 19.45
CA THR C 113 -36.81 26.59 19.11
C THR C 113 -35.75 26.59 20.23
N GLN C 114 -36.15 26.34 21.49
CA GLN C 114 -35.25 26.25 22.65
C GLN C 114 -34.42 24.95 22.55
N GLN C 115 -35.09 23.84 22.20
CA GLN C 115 -34.51 22.49 22.07
C GLN C 115 -33.47 22.44 20.94
N LEU C 116 -33.74 23.14 19.82
CA LEU C 116 -32.88 23.20 18.64
C LEU C 116 -31.52 23.83 18.94
N LEU C 117 -31.50 24.92 19.73
CA LEU C 117 -30.27 25.63 20.12
C LEU C 117 -29.43 24.79 21.10
N GLU C 118 -30.09 23.93 21.90
CA GLU C 118 -29.42 23.02 22.85
C GLU C 118 -28.66 21.95 22.08
N MET C 119 -29.21 21.48 20.94
CA MET C 119 -28.60 20.48 20.06
C MET C 119 -27.31 21.02 19.45
N CYS C 120 -27.33 22.32 19.06
CA CYS C 120 -26.17 23.03 18.50
C CYS C 120 -25.10 23.18 19.58
N LYS C 121 -25.53 23.50 20.83
CA LYS C 121 -24.68 23.64 22.01
C LYS C 121 -23.99 22.30 22.28
N ASP C 122 -24.76 21.19 22.18
CA ASP C 122 -24.29 19.82 22.37
C ASP C 122 -23.18 19.47 21.38
N VAL C 123 -23.32 19.88 20.11
CA VAL C 123 -22.31 19.66 19.06
C VAL C 123 -21.08 20.54 19.32
N CYS C 124 -21.33 21.84 19.60
CA CYS C 124 -20.30 22.85 19.87
C CYS C 124 -19.41 22.51 21.06
N GLU C 125 -19.98 21.85 22.10
CA GLU C 125 -19.25 21.43 23.30
C GLU C 125 -18.24 20.33 22.96
N ALA C 126 -18.66 19.35 22.13
CA ALA C 126 -17.82 18.24 21.67
C ALA C 126 -16.74 18.74 20.72
N MET C 127 -17.11 19.68 19.82
CA MET C 127 -16.18 20.27 18.85
C MET C 127 -15.13 21.14 19.53
N GLU C 128 -15.49 21.81 20.66
CA GLU C 128 -14.56 22.62 21.45
C GLU C 128 -13.50 21.70 22.06
N TYR C 129 -13.91 20.47 22.45
CA TYR C 129 -13.01 19.45 22.99
C TYR C 129 -12.09 18.94 21.88
N LEU C 130 -12.64 18.80 20.65
CA LEU C 130 -11.87 18.31 19.50
C LEU C 130 -10.84 19.31 19.00
N GLU C 131 -11.15 20.64 19.04
CA GLU C 131 -10.20 21.67 18.62
C GLU C 131 -9.07 21.85 19.65
N SER C 132 -9.38 21.66 20.95
CA SER C 132 -8.41 21.76 22.05
C SER C 132 -7.42 20.60 22.01
N LYS C 133 -7.89 19.41 21.58
CA LYS C 133 -7.06 18.21 21.45
C LYS C 133 -6.42 18.08 20.04
N GLN C 134 -6.61 19.11 19.17
CA GLN C 134 -6.12 19.21 17.78
C GLN C 134 -6.56 18.05 16.89
N PHE C 135 -7.78 17.51 17.13
CA PHE C 135 -8.35 16.41 16.35
C PHE C 135 -9.41 16.93 15.39
N LEU C 136 -9.25 16.61 14.09
CA LEU C 136 -10.16 17.05 13.04
C LEU C 136 -11.20 16.00 12.68
N HIS C 137 -12.45 16.43 12.46
CA HIS C 137 -13.56 15.57 12.09
C HIS C 137 -13.53 15.23 10.59
N ARG C 138 -13.32 16.26 9.75
CA ARG C 138 -13.22 16.25 8.27
C ARG C 138 -14.55 15.95 7.55
N ASP C 139 -15.61 15.53 8.27
CA ASP C 139 -16.93 15.23 7.69
C ASP C 139 -18.06 15.46 8.72
N LEU C 140 -18.11 16.66 9.31
CA LEU C 140 -19.13 17.02 10.29
C LEU C 140 -20.43 17.36 9.58
N ALA C 141 -21.53 16.70 9.99
CA ALA C 141 -22.89 16.87 9.44
C ALA C 141 -23.92 16.24 10.39
N ALA C 142 -25.23 16.39 10.06
CA ALA C 142 -26.33 15.82 10.84
C ALA C 142 -26.32 14.29 10.72
N ARG C 143 -25.91 13.77 9.55
CA ARG C 143 -25.80 12.34 9.24
C ARG C 143 -24.69 11.65 10.04
N ASN C 144 -23.63 12.41 10.39
CA ASN C 144 -22.49 11.91 11.17
C ASN C 144 -22.65 12.20 12.68
N CYS C 145 -23.89 12.46 13.15
CA CYS C 145 -24.21 12.73 14.55
C CYS C 145 -25.27 11.77 15.08
N LEU C 146 -25.19 11.44 16.39
CA LEU C 146 -26.13 10.52 17.05
C LEU C 146 -26.90 11.17 18.19
N VAL C 147 -28.13 10.67 18.45
CA VAL C 147 -29.02 11.15 19.52
C VAL C 147 -29.23 9.99 20.50
N ASN C 148 -29.08 10.27 21.81
CA ASN C 148 -29.26 9.24 22.85
C ASN C 148 -30.74 9.09 23.26
N ASP C 149 -31.01 8.20 24.24
CA ASP C 149 -32.33 7.90 24.79
C ASP C 149 -33.04 9.12 25.39
N GLN C 150 -32.26 10.09 25.94
CA GLN C 150 -32.81 11.29 26.56
C GLN C 150 -32.53 12.58 25.74
N GLY C 151 -32.57 12.44 24.42
CA GLY C 151 -32.41 13.53 23.45
C GLY C 151 -31.13 14.33 23.51
N VAL C 152 -29.98 13.67 23.74
CA VAL C 152 -28.67 14.32 23.80
C VAL C 152 -27.93 14.02 22.49
N VAL C 153 -27.53 15.09 21.78
CA VAL C 153 -26.81 15.00 20.50
C VAL C 153 -25.30 14.87 20.76
N LYS C 154 -24.69 13.83 20.16
CA LYS C 154 -23.26 13.57 20.28
C LYS C 154 -22.61 13.38 18.92
N VAL C 155 -21.40 13.95 18.77
CA VAL C 155 -20.59 13.91 17.54
C VAL C 155 -20.02 12.49 17.37
N SER C 156 -20.31 11.87 16.22
CA SER C 156 -19.87 10.52 15.87
C SER C 156 -18.98 10.51 14.62
N ASP C 157 -18.34 9.35 14.31
CA ASP C 157 -17.45 9.11 13.15
C ASP C 157 -16.34 10.18 13.01
N PHE C 158 -15.94 10.78 14.15
CA PHE C 158 -14.92 11.83 14.24
C PHE C 158 -13.55 11.35 13.80
N GLY C 159 -13.06 11.96 12.72
CA GLY C 159 -11.77 11.63 12.12
C GLY C 159 -11.75 10.36 11.31
N LEU C 160 -12.88 9.62 11.26
CA LEU C 160 -13.02 8.37 10.52
C LEU C 160 -12.92 8.55 8.99
N SER C 161 -13.00 9.81 8.52
CA SER C 161 -12.92 10.22 7.12
C SER C 161 -11.50 10.32 6.56
N ARG C 162 -10.48 10.35 7.46
CA ARG C 162 -9.06 10.53 7.15
C ARG C 162 -8.42 9.42 6.30
N TYR C 163 -8.74 8.14 6.58
CA TYR C 163 -8.09 7.02 5.89
C TYR C 163 -8.98 6.23 4.92
N VAL C 164 -9.98 6.87 4.30
CA VAL C 164 -10.89 6.23 3.35
C VAL C 164 -10.15 5.98 2.01
N LEU C 165 -10.00 4.71 1.62
CA LEU C 165 -9.33 4.28 0.38
C LEU C 165 -10.19 4.52 -0.86
N ASP C 166 -11.52 4.68 -0.67
CA ASP C 166 -12.49 4.91 -1.75
C ASP C 166 -12.26 6.25 -2.46
N ASP C 167 -11.88 6.18 -3.74
CA ASP C 167 -11.61 7.32 -4.61
C ASP C 167 -12.87 8.14 -4.91
N GLU C 168 -14.05 7.47 -4.88
CA GLU C 168 -15.35 8.11 -5.12
C GLU C 168 -15.76 9.02 -3.96
N TYR C 169 -15.03 8.97 -2.82
CA TYR C 169 -15.28 9.81 -1.66
C TYR C 169 -14.19 10.87 -1.46
N THR C 170 -12.91 10.47 -1.51
CA THR C 170 -11.74 11.34 -1.31
C THR C 170 -11.67 12.54 -2.27
N SER C 171 -11.92 12.33 -3.58
CA SER C 171 -11.86 13.42 -4.57
C SER C 171 -13.09 14.33 -4.49
N SER C 172 -12.91 15.64 -4.79
CA SER C 172 -13.96 16.67 -4.79
C SER C 172 -15.05 16.37 -5.83
N VAL C 173 -14.65 15.80 -6.99
CA VAL C 173 -15.51 15.41 -8.10
C VAL C 173 -16.43 14.20 -7.73
N GLY C 174 -15.97 13.38 -6.78
CA GLY C 174 -16.64 12.17 -6.32
C GLY C 174 -18.02 12.39 -5.73
N SER C 175 -18.91 11.39 -5.92
CA SER C 175 -20.29 11.40 -5.46
C SER C 175 -20.45 11.49 -3.94
N LYS C 176 -19.75 10.61 -3.19
CA LYS C 176 -19.79 10.53 -1.73
C LYS C 176 -19.23 11.75 -0.99
N PHE C 177 -18.38 12.57 -1.67
CA PHE C 177 -17.75 13.76 -1.12
C PHE C 177 -18.75 14.79 -0.54
N PRO C 178 -18.52 15.27 0.71
CA PRO C 178 -19.44 16.26 1.29
C PRO C 178 -19.16 17.69 0.80
N VAL C 179 -19.50 17.96 -0.49
CA VAL C 179 -19.31 19.25 -1.18
C VAL C 179 -20.10 20.37 -0.46
N ARG C 180 -21.32 20.04 0.00
CA ARG C 180 -22.26 20.92 0.70
C ARG C 180 -21.69 21.46 2.04
N TRP C 181 -20.99 20.59 2.78
CA TRP C 181 -20.37 20.91 4.07
C TRP C 181 -18.90 21.37 3.95
N SER C 182 -18.26 21.16 2.78
CA SER C 182 -16.86 21.51 2.57
C SER C 182 -16.63 23.00 2.27
N PRO C 183 -15.64 23.64 2.98
CA PRO C 183 -15.35 25.06 2.74
C PRO C 183 -14.62 25.32 1.40
N PRO C 184 -14.48 26.58 0.92
CA PRO C 184 -13.85 26.80 -0.40
C PRO C 184 -12.40 26.33 -0.54
N GLU C 185 -11.57 26.45 0.52
CA GLU C 185 -10.18 26.01 0.47
C GLU C 185 -10.01 24.49 0.45
N VAL C 186 -11.08 23.73 0.80
CA VAL C 186 -11.06 22.27 0.77
C VAL C 186 -11.31 21.79 -0.67
N LEU C 187 -12.20 22.49 -1.39
CA LEU C 187 -12.57 22.19 -2.78
C LEU C 187 -11.46 22.61 -3.74
N MET C 188 -10.87 23.81 -3.53
CA MET C 188 -9.87 24.40 -4.41
C MET C 188 -8.40 24.17 -4.02
N TYR C 189 -8.10 23.92 -2.73
CA TYR C 189 -6.70 23.74 -2.30
C TYR C 189 -6.46 22.49 -1.44
N SER C 190 -7.55 21.85 -0.92
CA SER C 190 -7.54 20.68 -0.03
C SER C 190 -6.78 20.97 1.27
N LYS C 191 -7.32 21.91 2.08
CA LYS C 191 -6.74 22.34 3.34
C LYS C 191 -7.70 22.10 4.51
N PHE C 192 -7.45 21.02 5.28
CA PHE C 192 -8.26 20.64 6.44
C PHE C 192 -7.68 21.21 7.72
N SER C 193 -8.43 22.12 8.36
CA SER C 193 -8.04 22.81 9.60
C SER C 193 -9.16 22.77 10.62
N SER C 194 -8.93 23.35 11.82
CA SER C 194 -9.93 23.46 12.88
C SER C 194 -11.03 24.39 12.38
N LYS C 195 -10.67 25.32 11.45
CA LYS C 195 -11.56 26.28 10.81
C LYS C 195 -12.36 25.62 9.67
N SER C 196 -11.85 24.50 9.11
CA SER C 196 -12.58 23.76 8.05
C SER C 196 -13.77 22.98 8.63
N ASP C 197 -13.75 22.72 9.96
CA ASP C 197 -14.82 22.06 10.71
C ASP C 197 -15.91 23.09 11.10
N ILE C 198 -15.52 24.38 11.22
CA ILE C 198 -16.39 25.52 11.54
C ILE C 198 -17.44 25.68 10.42
N TRP C 199 -16.99 25.68 9.14
CA TRP C 199 -17.87 25.77 7.96
C TRP C 199 -18.90 24.65 7.99
N ALA C 200 -18.42 23.40 8.24
CA ALA C 200 -19.23 22.19 8.33
C ALA C 200 -20.24 22.26 9.48
N PHE C 201 -19.85 22.90 10.61
CA PHE C 201 -20.70 23.10 11.78
C PHE C 201 -21.89 24.02 11.47
N GLY C 202 -21.65 25.08 10.71
CA GLY C 202 -22.68 26.04 10.31
C GLY C 202 -23.71 25.43 9.39
N VAL C 203 -23.25 24.60 8.42
CA VAL C 203 -24.11 23.89 7.47
C VAL C 203 -24.92 22.82 8.23
N LEU C 204 -24.32 22.25 9.30
CA LEU C 204 -24.96 21.28 10.20
C LEU C 204 -26.01 22.01 11.04
N MET C 205 -25.67 23.25 11.49
CA MET C 205 -26.55 24.14 12.27
C MET C 205 -27.79 24.48 11.44
N TRP C 206 -27.61 24.64 10.12
CA TRP C 206 -28.67 24.92 9.15
C TRP C 206 -29.58 23.69 9.08
N GLU C 207 -28.98 22.47 9.02
CA GLU C 207 -29.69 21.18 8.97
C GLU C 207 -30.64 21.04 10.16
N ILE C 208 -30.18 21.44 11.36
CA ILE C 208 -30.94 21.38 12.61
C ILE C 208 -32.16 22.30 12.55
N TYR C 209 -31.96 23.57 12.14
CA TYR C 209 -33.03 24.57 12.06
C TYR C 209 -33.93 24.44 10.83
N SER C 210 -33.53 23.63 9.83
CA SER C 210 -34.35 23.38 8.64
C SER C 210 -35.01 21.98 8.74
N LEU C 211 -34.82 21.31 9.90
CA LEU C 211 -35.35 20.01 10.29
C LEU C 211 -34.94 18.88 9.32
N GLY C 212 -33.63 18.61 9.28
CA GLY C 212 -33.02 17.58 8.45
C GLY C 212 -33.17 17.74 6.95
N LYS C 213 -33.14 19.00 6.47
CA LYS C 213 -33.27 19.33 5.04
C LYS C 213 -31.91 19.31 4.35
N MET C 214 -31.88 19.06 3.03
CA MET C 214 -30.64 19.02 2.26
C MET C 214 -30.14 20.44 1.97
N PRO C 215 -28.87 20.77 2.27
CA PRO C 215 -28.36 22.11 1.94
C PRO C 215 -28.13 22.23 0.43
N TYR C 216 -28.45 23.42 -0.15
CA TYR C 216 -28.32 23.73 -1.59
C TYR C 216 -28.95 22.64 -2.48
N GLU C 217 -30.12 22.09 -2.05
CA GLU C 217 -30.84 21.01 -2.73
C GLU C 217 -31.22 21.30 -4.18
N ARG C 218 -31.46 22.58 -4.51
CA ARG C 218 -31.83 23.03 -5.85
C ARG C 218 -30.66 22.97 -6.83
N PHE C 219 -29.42 23.06 -6.32
CA PHE C 219 -28.21 22.99 -7.13
C PHE C 219 -27.59 21.59 -7.01
N THR C 220 -26.85 21.17 -8.05
CA THR C 220 -26.12 19.90 -8.03
C THR C 220 -24.81 20.17 -7.27
N ASN C 221 -24.09 19.11 -6.83
CA ASN C 221 -22.81 19.25 -6.11
C ASN C 221 -21.78 20.13 -6.87
N SER C 222 -21.80 20.09 -8.22
CA SER C 222 -20.92 20.88 -9.08
C SER C 222 -21.29 22.37 -9.03
N GLU C 223 -22.61 22.68 -9.09
CA GLU C 223 -23.14 24.04 -9.04
C GLU C 223 -22.96 24.66 -7.65
N THR C 224 -23.10 23.83 -6.59
CA THR C 224 -22.96 24.20 -5.18
C THR C 224 -21.60 24.87 -4.92
N ALA C 225 -20.50 24.22 -5.37
CA ALA C 225 -19.13 24.73 -5.24
C ALA C 225 -18.87 25.96 -6.12
N GLU C 226 -19.64 26.11 -7.22
CA GLU C 226 -19.54 27.23 -8.14
C GLU C 226 -20.21 28.48 -7.56
N HIS C 227 -21.36 28.31 -6.86
CA HIS C 227 -22.11 29.40 -6.25
C HIS C 227 -21.52 29.85 -4.90
N ILE C 228 -20.87 28.93 -4.17
CA ILE C 228 -20.21 29.21 -2.89
C ILE C 228 -19.00 30.12 -3.14
N ALA C 229 -18.22 29.80 -4.20
CA ALA C 229 -17.05 30.57 -4.64
C ALA C 229 -17.47 31.97 -5.09
N GLN C 230 -18.69 32.09 -5.69
CA GLN C 230 -19.27 33.35 -6.14
C GLN C 230 -19.63 34.23 -4.94
N GLY C 231 -20.07 33.60 -3.84
CA GLY C 231 -20.41 34.29 -2.60
C GLY C 231 -21.70 33.89 -1.92
N LEU C 232 -22.62 33.21 -2.65
CA LEU C 232 -23.93 32.76 -2.14
C LEU C 232 -23.82 31.81 -0.94
N ARG C 233 -24.49 32.17 0.16
CA ARG C 233 -24.54 31.37 1.39
C ARG C 233 -25.96 30.84 1.63
N LEU C 234 -26.10 29.79 2.49
CA LEU C 234 -27.38 29.17 2.83
C LEU C 234 -28.35 30.19 3.45
N TYR C 235 -29.63 30.15 3.00
CA TYR C 235 -30.71 31.02 3.47
C TYR C 235 -31.10 30.73 4.92
N ARG C 236 -31.70 31.73 5.60
CA ARG C 236 -32.15 31.57 6.99
C ARG C 236 -33.45 30.75 7.04
N PRO C 237 -33.47 29.57 7.73
CA PRO C 237 -34.71 28.79 7.81
C PRO C 237 -35.76 29.50 8.68
N HIS C 238 -37.05 29.22 8.42
CA HIS C 238 -38.19 29.81 9.13
C HIS C 238 -38.09 29.68 10.67
N LEU C 239 -37.63 28.52 11.15
CA LEU C 239 -37.47 28.22 12.58
C LEU C 239 -36.33 29.02 13.21
N ALA C 240 -35.25 29.29 12.46
CA ALA C 240 -34.09 30.03 12.95
C ALA C 240 -34.31 31.53 13.08
N SER C 241 -33.92 32.10 14.23
CA SER C 241 -34.03 33.53 14.52
C SER C 241 -32.84 34.30 13.92
N GLU C 242 -32.95 35.65 13.85
CA GLU C 242 -31.91 36.52 13.31
C GLU C 242 -30.62 36.47 14.14
N LYS C 243 -30.73 36.28 15.47
CA LYS C 243 -29.59 36.15 16.39
C LYS C 243 -28.89 34.80 16.18
N VAL C 244 -29.68 33.73 15.93
CA VAL C 244 -29.20 32.36 15.68
C VAL C 244 -28.47 32.29 14.33
N TYR C 245 -29.07 32.89 13.27
CA TYR C 245 -28.52 32.92 11.92
C TYR C 245 -27.17 33.63 11.84
N THR C 246 -26.93 34.63 12.72
CA THR C 246 -25.67 35.38 12.82
C THR C 246 -24.54 34.42 13.21
N ILE C 247 -24.85 33.45 14.11
CA ILE C 247 -23.92 32.41 14.57
C ILE C 247 -23.56 31.46 13.41
N MET C 248 -24.56 31.01 12.62
CA MET C 248 -24.29 30.10 11.50
C MET C 248 -23.68 30.83 10.28
N TYR C 249 -23.91 32.15 10.14
CA TYR C 249 -23.36 32.95 9.04
C TYR C 249 -21.86 33.14 9.25
N SER C 250 -21.44 33.38 10.52
CA SER C 250 -20.05 33.57 10.93
C SER C 250 -19.20 32.34 10.60
N CYS C 251 -19.84 31.15 10.57
CA CYS C 251 -19.22 29.88 10.23
C CYS C 251 -18.81 29.87 8.75
N TRP C 252 -19.60 30.54 7.89
CA TRP C 252 -19.36 30.57 6.45
C TRP C 252 -18.72 31.87 5.95
N HIS C 253 -17.52 32.18 6.48
CA HIS C 253 -16.73 33.33 6.06
C HIS C 253 -15.76 32.85 5.00
N GLU C 254 -15.71 33.56 3.85
CA GLU C 254 -14.87 33.24 2.67
C GLU C 254 -13.48 32.71 3.01
N LYS C 255 -12.61 33.55 3.59
CA LYS C 255 -11.25 33.16 3.98
C LYS C 255 -11.28 32.33 5.26
N ALA C 256 -10.30 31.43 5.43
CA ALA C 256 -10.17 30.50 6.54
C ALA C 256 -10.14 31.13 7.94
N ASP C 257 -9.26 32.13 8.16
CA ASP C 257 -9.09 32.80 9.46
C ASP C 257 -10.22 33.79 9.82
N GLU C 258 -11.09 34.15 8.85
CA GLU C 258 -12.22 35.06 9.05
C GLU C 258 -13.26 34.45 10.01
N ARG C 259 -13.45 33.11 9.90
CA ARG C 259 -14.37 32.31 10.73
C ARG C 259 -13.89 32.28 12.18
N PRO C 260 -14.79 32.15 13.18
CA PRO C 260 -14.31 32.09 14.57
C PRO C 260 -13.92 30.67 14.97
N THR C 261 -13.46 30.46 16.22
CA THR C 261 -13.15 29.12 16.73
C THR C 261 -14.37 28.61 17.49
N PHE C 262 -14.39 27.29 17.81
CA PHE C 262 -15.49 26.69 18.56
C PHE C 262 -15.63 27.26 19.98
N LYS C 263 -14.51 27.80 20.53
CA LYS C 263 -14.44 28.43 21.85
C LYS C 263 -15.35 29.66 21.87
N ILE C 264 -15.22 30.52 20.83
CA ILE C 264 -16.02 31.74 20.64
C ILE C 264 -17.45 31.33 20.26
N LEU C 265 -17.61 30.34 19.36
CA LEU C 265 -18.90 29.83 18.90
C LEU C 265 -19.79 29.33 20.03
N LEU C 266 -19.22 28.58 21.00
CA LEU C 266 -19.93 28.04 22.17
C LEU C 266 -20.49 29.12 23.08
N SER C 267 -19.68 30.17 23.36
CA SER C 267 -20.06 31.31 24.21
C SER C 267 -21.17 32.14 23.56
N ASN C 268 -21.14 32.28 22.21
CA ASN C 268 -22.13 33.04 21.44
C ASN C 268 -23.49 32.33 21.40
N ILE C 269 -23.49 30.97 21.31
CA ILE C 269 -24.70 30.15 21.31
C ILE C 269 -25.38 30.26 22.69
N LEU C 270 -24.59 30.15 23.78
CA LEU C 270 -25.05 30.25 25.17
C LEU C 270 -25.64 31.64 25.51
N ASP C 271 -25.18 32.69 24.80
CA ASP C 271 -25.65 34.08 24.97
C ASP C 271 -27.11 34.22 24.51
N VAL C 272 -27.41 33.72 23.29
CA VAL C 272 -28.75 33.74 22.68
C VAL C 272 -29.68 32.81 23.47
N MET C 273 -29.13 31.70 24.00
CA MET C 273 -29.80 30.70 24.84
C MET C 273 -30.33 31.35 26.13
N ASP C 274 -29.53 32.28 26.68
CA ASP C 274 -29.81 33.05 27.89
C ASP C 274 -30.79 34.21 27.62
N GLU C 275 -30.57 34.97 26.53
CA GLU C 275 -31.39 36.13 26.12
C GLU C 275 -32.84 35.77 25.78
N SER D 7 46.70 1.05 -17.17
CA SER D 7 47.14 2.38 -16.77
C SER D 7 46.60 2.78 -15.37
N ILE D 8 47.06 3.94 -14.85
CA ILE D 8 46.68 4.48 -13.55
C ILE D 8 45.82 5.74 -13.70
N SER D 9 44.82 5.91 -12.80
CA SER D 9 43.91 7.06 -12.79
C SER D 9 44.43 8.22 -11.95
N ASN D 10 44.85 7.95 -10.68
CA ASN D 10 45.40 8.95 -9.77
C ASN D 10 46.88 8.66 -9.47
N LEU D 11 47.78 9.55 -9.92
CA LEU D 11 49.23 9.46 -9.75
C LEU D 11 49.69 9.55 -8.31
N SER D 12 49.07 10.45 -7.52
CA SER D 12 49.40 10.73 -6.13
C SER D 12 49.14 9.57 -5.17
N MET D 13 48.20 8.67 -5.51
CA MET D 13 47.82 7.59 -4.60
C MET D 13 48.26 6.18 -5.06
N GLN D 14 49.45 6.07 -5.67
CA GLN D 14 49.99 4.78 -6.13
C GLN D 14 50.40 3.85 -4.99
N THR D 15 50.88 4.40 -3.85
CA THR D 15 51.33 3.63 -2.70
C THR D 15 50.34 3.66 -1.53
N HIS D 16 50.33 2.57 -0.72
CA HIS D 16 49.48 2.37 0.47
C HIS D 16 49.71 3.47 1.51
N ALA D 17 50.98 3.88 1.68
CA ALA D 17 51.37 4.94 2.62
C ALA D 17 50.74 6.28 2.21
N ALA D 18 50.68 6.56 0.89
CA ALA D 18 50.10 7.77 0.32
C ALA D 18 48.57 7.76 0.41
N ARG D 19 47.95 6.58 0.24
CA ARG D 19 46.50 6.38 0.31
C ARG D 19 45.99 6.56 1.73
N MET D 20 46.79 6.12 2.72
CA MET D 20 46.47 6.22 4.15
C MET D 20 46.47 7.67 4.66
N ARG D 21 47.26 8.55 4.02
CA ARG D 21 47.37 9.96 4.38
C ARG D 21 46.08 10.77 4.13
N THR D 22 45.20 10.27 3.24
CA THR D 22 43.93 10.93 2.93
C THR D 22 42.92 10.73 4.07
N PHE D 23 42.98 9.56 4.73
CA PHE D 23 42.09 9.19 5.84
C PHE D 23 42.45 9.88 7.17
N MET D 24 43.00 11.10 7.09
CA MET D 24 43.38 11.90 8.26
C MET D 24 42.10 12.40 8.94
N TYR D 25 41.14 12.89 8.14
CA TYR D 25 39.86 13.40 8.64
C TYR D 25 38.67 12.52 8.24
N TRP D 26 38.91 11.21 8.08
CA TRP D 26 37.90 10.19 7.77
C TRP D 26 36.99 10.05 9.00
N PRO D 27 35.65 9.91 8.82
CA PRO D 27 34.76 9.81 10.00
C PRO D 27 34.94 8.55 10.83
N SER D 28 35.02 8.73 12.16
CA SER D 28 35.16 7.66 13.14
C SER D 28 33.79 6.99 13.40
N SER D 29 32.77 7.35 12.59
CA SER D 29 31.40 6.85 12.65
C SER D 29 31.21 5.63 11.73
N VAL D 30 31.82 5.67 10.52
CA VAL D 30 31.76 4.64 9.47
C VAL D 30 32.30 3.29 9.99
N PRO D 31 31.57 2.15 9.81
CA PRO D 31 32.07 0.87 10.32
C PRO D 31 33.06 0.13 9.40
N VAL D 32 33.87 0.90 8.65
CA VAL D 32 34.90 0.36 7.75
C VAL D 32 36.24 1.02 8.08
N GLN D 33 37.26 0.19 8.39
CA GLN D 33 38.60 0.64 8.76
C GLN D 33 39.39 1.13 7.54
N PRO D 34 40.08 2.29 7.65
CA PRO D 34 40.84 2.84 6.51
C PRO D 34 41.97 1.95 6.00
N GLU D 35 42.61 1.16 6.89
CA GLU D 35 43.69 0.23 6.56
C GLU D 35 43.20 -0.80 5.52
N GLN D 36 41.93 -1.23 5.64
CA GLN D 36 41.27 -2.16 4.72
C GLN D 36 41.07 -1.53 3.34
N LEU D 37 40.57 -0.26 3.33
CA LEU D 37 40.31 0.54 2.13
C LEU D 37 41.60 0.86 1.36
N ALA D 38 42.64 1.33 2.08
CA ALA D 38 43.94 1.68 1.50
C ALA D 38 44.68 0.46 0.94
N SER D 39 44.45 -0.74 1.51
CA SER D 39 45.04 -1.98 1.01
C SER D 39 44.33 -2.40 -0.28
N ALA D 40 43.06 -2.00 -0.44
CA ALA D 40 42.23 -2.29 -1.60
C ALA D 40 42.29 -1.21 -2.70
N GLY D 41 43.31 -0.34 -2.63
CA GLY D 41 43.55 0.73 -3.59
C GLY D 41 42.66 1.95 -3.48
N PHE D 42 41.96 2.12 -2.34
CA PHE D 42 41.07 3.26 -2.12
C PHE D 42 41.70 4.37 -1.27
N TYR D 43 41.27 5.61 -1.51
CA TYR D 43 41.69 6.81 -0.80
C TYR D 43 40.50 7.73 -0.56
N TYR D 44 40.46 8.42 0.60
CA TYR D 44 39.37 9.32 0.95
C TYR D 44 39.34 10.59 0.10
N VAL D 45 38.19 10.85 -0.52
CA VAL D 45 37.94 11.99 -1.40
C VAL D 45 37.85 13.31 -0.59
N GLY D 46 37.21 13.25 0.58
CA GLY D 46 37.02 14.40 1.45
C GLY D 46 35.58 14.64 1.84
N ARG D 47 34.64 14.06 1.06
CA ARG D 47 33.22 14.17 1.31
C ARG D 47 32.72 12.92 2.02
N ASN D 48 32.07 13.10 3.19
CA ASN D 48 31.49 12.09 4.10
C ASN D 48 32.21 10.72 4.06
N ASP D 49 31.81 9.79 3.18
CA ASP D 49 32.46 8.47 3.08
C ASP D 49 32.82 8.07 1.65
N ASP D 50 33.06 9.08 0.80
CA ASP D 50 33.42 8.89 -0.60
C ASP D 50 34.86 8.46 -0.77
N VAL D 51 35.10 7.28 -1.37
CA VAL D 51 36.45 6.77 -1.64
C VAL D 51 36.59 6.39 -3.10
N LYS D 52 37.68 6.84 -3.73
CA LYS D 52 37.97 6.55 -5.13
C LYS D 52 39.15 5.61 -5.26
N CYS D 53 39.27 4.91 -6.39
CA CYS D 53 40.40 4.02 -6.62
C CYS D 53 41.49 4.76 -7.40
N PHE D 54 42.76 4.43 -7.14
CA PHE D 54 43.88 5.07 -7.80
C PHE D 54 44.12 4.52 -9.21
N CYS D 55 43.71 3.27 -9.44
CA CYS D 55 43.89 2.55 -10.70
C CYS D 55 42.70 2.70 -11.66
N CYS D 56 41.47 2.41 -11.18
CA CYS D 56 40.26 2.45 -12.01
C CYS D 56 39.37 3.68 -11.79
N ASP D 57 39.73 4.58 -10.83
CA ASP D 57 38.97 5.78 -10.44
C ASP D 57 37.56 5.43 -9.91
N GLY D 58 37.42 4.16 -9.50
CA GLY D 58 36.19 3.60 -8.97
C GLY D 58 35.76 4.23 -7.67
N GLY D 59 34.64 4.95 -7.73
CA GLY D 59 34.06 5.63 -6.58
C GLY D 59 33.11 4.73 -5.82
N LEU D 60 33.22 4.73 -4.48
CA LEU D 60 32.38 3.94 -3.60
C LEU D 60 32.03 4.71 -2.34
N ARG D 61 30.75 4.73 -1.98
CA ARG D 61 30.22 5.42 -0.80
C ARG D 61 29.17 4.56 -0.08
N CYS D 62 28.54 5.11 0.98
CA CYS D 62 27.51 4.44 1.81
C CYS D 62 28.03 3.12 2.38
N TRP D 63 29.24 3.16 2.97
CA TRP D 63 29.91 2.00 3.56
C TRP D 63 29.17 1.53 4.81
N GLU D 64 28.65 0.30 4.73
CA GLU D 64 27.91 -0.37 5.81
C GLU D 64 28.81 -1.37 6.55
N SER D 65 28.38 -1.85 7.72
CA SER D 65 29.13 -2.82 8.51
C SER D 65 29.07 -4.19 7.83
N GLY D 66 30.09 -5.00 8.06
CA GLY D 66 30.20 -6.33 7.46
C GLY D 66 30.54 -6.26 5.99
N ASP D 67 31.32 -5.24 5.62
CA ASP D 67 31.78 -4.99 4.26
C ASP D 67 33.25 -5.34 4.11
N ASP D 68 33.65 -5.72 2.90
CA ASP D 68 35.03 -6.04 2.55
C ASP D 68 35.38 -5.14 1.35
N PRO D 69 36.34 -4.19 1.47
CA PRO D 69 36.66 -3.32 0.32
C PRO D 69 37.10 -4.04 -0.94
N TRP D 70 37.59 -5.31 -0.80
CA TRP D 70 37.98 -6.15 -1.93
C TRP D 70 36.74 -6.74 -2.61
N VAL D 71 35.74 -7.19 -1.81
CA VAL D 71 34.50 -7.78 -2.31
C VAL D 71 33.64 -6.73 -3.04
N GLU D 72 33.77 -5.45 -2.62
CA GLU D 72 33.07 -4.30 -3.20
C GLU D 72 33.81 -3.84 -4.46
N HIS D 73 35.15 -4.04 -4.48
CA HIS D 73 35.98 -3.68 -5.64
C HIS D 73 35.73 -4.61 -6.82
N ALA D 74 35.44 -5.90 -6.55
CA ALA D 74 35.15 -6.91 -7.57
C ALA D 74 33.71 -6.88 -8.06
N LYS D 75 32.75 -6.65 -7.13
CA LYS D 75 31.31 -6.61 -7.44
C LYS D 75 30.93 -5.42 -8.32
N TRP D 76 31.62 -4.27 -8.13
CA TRP D 76 31.33 -3.05 -8.87
C TRP D 76 32.31 -2.72 -9.99
N PHE D 77 33.60 -3.09 -9.85
CA PHE D 77 34.63 -2.81 -10.87
C PHE D 77 35.52 -4.04 -11.14
N PRO D 78 35.00 -5.08 -11.84
CA PRO D 78 35.83 -6.27 -12.09
C PRO D 78 36.97 -6.08 -13.09
N ARG D 79 36.88 -5.06 -13.95
CA ARG D 79 37.90 -4.76 -14.96
C ARG D 79 39.13 -4.03 -14.39
N CYS D 80 39.13 -3.73 -13.06
CA CYS D 80 40.22 -3.04 -12.35
C CYS D 80 41.53 -3.84 -12.39
N GLU D 81 42.53 -3.32 -13.15
CA GLU D 81 43.84 -3.93 -13.35
C GLU D 81 44.61 -4.23 -12.05
N PHE D 82 44.49 -3.34 -11.04
CA PHE D 82 45.11 -3.50 -9.71
C PHE D 82 44.42 -4.64 -8.95
N LEU D 83 43.06 -4.69 -9.00
CA LEU D 83 42.24 -5.71 -8.35
C LEU D 83 42.61 -7.15 -8.81
N ILE D 84 42.72 -7.36 -10.14
CA ILE D 84 43.10 -8.66 -10.73
C ILE D 84 44.58 -8.98 -10.38
N ARG D 85 45.41 -7.94 -10.21
CA ARG D 85 46.83 -8.06 -9.86
C ARG D 85 47.00 -8.51 -8.40
N MET D 86 46.16 -7.98 -7.49
CA MET D 86 46.22 -8.25 -6.05
C MET D 86 45.52 -9.53 -5.61
N LYS D 87 44.19 -9.63 -5.84
CA LYS D 87 43.40 -10.79 -5.41
C LYS D 87 43.33 -11.93 -6.44
N GLY D 88 43.59 -11.63 -7.72
CA GLY D 88 43.59 -12.62 -8.77
C GLY D 88 42.25 -12.78 -9.47
N GLN D 89 42.27 -13.06 -10.79
CA GLN D 89 41.10 -13.25 -11.65
C GLN D 89 40.12 -14.32 -11.14
N GLU D 90 40.65 -15.41 -10.53
CA GLU D 90 39.86 -16.51 -9.96
C GLU D 90 38.89 -16.00 -8.88
N PHE D 91 39.35 -15.02 -8.06
CA PHE D 91 38.56 -14.37 -7.01
C PHE D 91 37.52 -13.46 -7.64
N VAL D 92 37.97 -12.56 -8.56
CA VAL D 92 37.17 -11.57 -9.27
C VAL D 92 35.96 -12.20 -9.98
N ASP D 93 36.18 -13.33 -10.69
CA ASP D 93 35.15 -14.08 -11.39
C ASP D 93 34.16 -14.74 -10.42
N GLU D 94 34.63 -15.17 -9.23
CA GLU D 94 33.82 -15.80 -8.20
C GLU D 94 32.84 -14.79 -7.57
N ILE D 95 33.30 -13.54 -7.33
CA ILE D 95 32.49 -12.46 -6.76
C ILE D 95 31.47 -11.96 -7.80
N GLN D 96 31.90 -11.82 -9.06
CA GLN D 96 31.04 -11.38 -10.16
C GLN D 96 30.05 -12.48 -10.59
N GLY D 97 30.37 -13.74 -10.24
CA GLY D 97 29.57 -14.91 -10.56
C GLY D 97 28.26 -15.03 -9.79
N ARG D 98 28.00 -14.09 -8.87
CA ARG D 98 26.78 -14.08 -8.05
C ARG D 98 26.04 -12.73 -8.13
N SER E 7 -11.90 -18.90 -31.23
CA SER E 7 -12.80 -19.77 -30.46
C SER E 7 -12.97 -19.27 -29.04
N ILE E 8 -14.21 -19.38 -28.50
CA ILE E 8 -14.56 -18.98 -27.13
C ILE E 8 -13.92 -19.93 -26.09
N SER E 9 -13.85 -19.51 -24.81
CA SER E 9 -13.23 -20.30 -23.75
C SER E 9 -14.23 -21.03 -22.85
N ASN E 10 -15.30 -20.33 -22.43
CA ASN E 10 -16.34 -20.89 -21.57
C ASN E 10 -17.72 -20.45 -22.04
N LEU E 11 -18.48 -21.38 -22.63
CA LEU E 11 -19.82 -21.15 -23.16
C LEU E 11 -20.85 -20.78 -22.09
N SER E 12 -20.71 -21.35 -20.87
CA SER E 12 -21.61 -21.11 -19.74
C SER E 12 -21.61 -19.65 -19.26
N MET E 13 -20.52 -18.93 -19.55
CA MET E 13 -20.33 -17.54 -19.16
C MET E 13 -20.41 -16.57 -20.35
N GLN E 14 -21.26 -16.87 -21.34
CA GLN E 14 -21.42 -16.01 -22.51
C GLN E 14 -22.23 -14.76 -22.20
N THR E 15 -23.31 -14.89 -21.41
CA THR E 15 -24.19 -13.78 -21.03
C THR E 15 -23.66 -13.05 -19.79
N HIS E 16 -23.93 -11.73 -19.68
CA HIS E 16 -23.52 -10.89 -18.56
C HIS E 16 -24.18 -11.35 -17.25
N ALA E 17 -25.46 -11.75 -17.32
CA ALA E 17 -26.24 -12.24 -16.18
C ALA E 17 -25.63 -13.52 -15.59
N ALA E 18 -25.13 -14.42 -16.46
CA ALA E 18 -24.48 -15.68 -16.05
C ALA E 18 -23.12 -15.41 -15.41
N ARG E 19 -22.39 -14.41 -15.96
CA ARG E 19 -21.08 -13.99 -15.43
C ARG E 19 -21.25 -13.37 -14.05
N MET E 20 -22.34 -12.59 -13.86
CA MET E 20 -22.68 -11.95 -12.59
C MET E 20 -23.11 -12.97 -11.54
N ARG E 21 -23.75 -14.07 -11.99
CA ARG E 21 -24.23 -15.16 -11.14
C ARG E 21 -23.12 -15.88 -10.37
N THR E 22 -21.86 -15.81 -10.86
CA THR E 22 -20.70 -16.43 -10.19
C THR E 22 -20.25 -15.62 -8.97
N PHE E 23 -20.44 -14.28 -9.02
CA PHE E 23 -20.06 -13.37 -7.94
C PHE E 23 -21.03 -13.39 -6.75
N MET E 24 -21.74 -14.52 -6.57
CA MET E 24 -22.68 -14.81 -5.48
C MET E 24 -21.92 -14.77 -4.16
N TYR E 25 -20.71 -15.38 -4.13
CA TYR E 25 -19.85 -15.41 -2.95
C TYR E 25 -18.51 -14.69 -3.20
N TRP E 26 -18.58 -13.54 -3.89
CA TRP E 26 -17.45 -12.66 -4.19
C TRP E 26 -17.02 -11.97 -2.88
N PRO E 27 -15.73 -12.13 -2.45
CA PRO E 27 -15.32 -11.51 -1.18
C PRO E 27 -15.48 -9.99 -1.13
N SER E 28 -16.14 -9.51 -0.06
CA SER E 28 -16.38 -8.10 0.19
C SER E 28 -15.08 -7.37 0.56
N SER E 29 -14.00 -8.15 0.79
CA SER E 29 -12.64 -7.70 1.13
C SER E 29 -11.84 -7.24 -0.11
N VAL E 30 -12.44 -7.38 -1.33
CA VAL E 30 -11.83 -7.00 -2.61
C VAL E 30 -12.38 -5.62 -3.04
N PRO E 31 -11.50 -4.64 -3.39
CA PRO E 31 -11.98 -3.31 -3.78
C PRO E 31 -12.34 -3.15 -5.26
N VAL E 32 -12.67 -4.26 -5.95
CA VAL E 32 -13.11 -4.27 -7.36
C VAL E 32 -14.47 -4.97 -7.39
N GLN E 33 -15.52 -4.22 -7.78
CA GLN E 33 -16.91 -4.70 -7.79
C GLN E 33 -17.25 -5.64 -8.97
N PRO E 34 -18.22 -6.59 -8.77
CA PRO E 34 -18.57 -7.55 -9.84
C PRO E 34 -19.04 -6.96 -11.17
N GLU E 35 -19.92 -5.94 -11.14
CA GLU E 35 -20.48 -5.27 -12.32
C GLU E 35 -19.38 -4.77 -13.29
N GLN E 36 -18.24 -4.33 -12.73
CA GLN E 36 -17.07 -3.86 -13.48
C GLN E 36 -16.38 -5.02 -14.19
N LEU E 37 -16.18 -6.15 -13.46
CA LEU E 37 -15.52 -7.37 -13.92
C LEU E 37 -16.35 -8.15 -14.94
N ALA E 38 -17.66 -8.29 -14.69
CA ALA E 38 -18.60 -9.01 -15.56
C ALA E 38 -18.74 -8.31 -16.92
N SER E 39 -18.71 -6.96 -16.93
CA SER E 39 -18.80 -6.16 -18.16
C SER E 39 -17.56 -6.38 -19.02
N ALA E 40 -16.39 -6.64 -18.37
CA ALA E 40 -15.10 -6.91 -19.00
C ALA E 40 -14.90 -8.41 -19.34
N GLY E 41 -15.97 -9.20 -19.22
CA GLY E 41 -16.01 -10.62 -19.54
C GLY E 41 -15.41 -11.58 -18.52
N PHE E 42 -15.31 -11.15 -17.24
CA PHE E 42 -14.75 -11.98 -16.19
C PHE E 42 -15.79 -12.62 -15.30
N TYR E 43 -15.52 -13.85 -14.85
CA TYR E 43 -16.38 -14.62 -13.95
C TYR E 43 -15.57 -15.17 -12.78
N TYR E 44 -16.15 -15.15 -11.58
CA TYR E 44 -15.49 -15.64 -10.36
C TYR E 44 -15.39 -17.15 -10.35
N VAL E 45 -14.17 -17.67 -10.14
CA VAL E 45 -13.91 -19.10 -10.14
C VAL E 45 -14.34 -19.74 -8.80
N GLY E 46 -13.85 -19.19 -7.69
CA GLY E 46 -14.16 -19.69 -6.35
C GLY E 46 -13.03 -19.53 -5.36
N ARG E 47 -11.78 -19.81 -5.80
CA ARG E 47 -10.60 -19.68 -4.96
C ARG E 47 -10.17 -18.21 -4.84
N ASN E 48 -10.08 -17.71 -3.60
CA ASN E 48 -9.66 -16.35 -3.24
C ASN E 48 -10.41 -15.24 -4.04
N ASP E 49 -9.77 -14.67 -5.07
CA ASP E 49 -10.37 -13.63 -5.93
C ASP E 49 -10.04 -13.87 -7.41
N ASP E 50 -9.84 -15.16 -7.76
CA ASP E 50 -9.51 -15.63 -9.10
C ASP E 50 -10.67 -15.48 -10.08
N VAL E 51 -10.46 -14.64 -11.12
CA VAL E 51 -11.43 -14.40 -12.18
C VAL E 51 -10.83 -14.68 -13.55
N LYS E 52 -11.44 -15.60 -14.31
CA LYS E 52 -11.01 -16.00 -15.65
C LYS E 52 -11.89 -15.30 -16.68
N CYS E 53 -11.35 -15.10 -17.89
CA CYS E 53 -12.12 -14.51 -18.99
C CYS E 53 -12.91 -15.60 -19.71
N PHE E 54 -14.11 -15.27 -20.22
CA PHE E 54 -14.96 -16.25 -20.91
C PHE E 54 -14.54 -16.49 -22.37
N CYS E 55 -13.69 -15.61 -22.93
CA CYS E 55 -13.26 -15.69 -24.31
C CYS E 55 -11.81 -16.18 -24.48
N CYS E 56 -10.87 -15.62 -23.70
CA CYS E 56 -9.45 -15.97 -23.81
C CYS E 56 -8.92 -16.90 -22.70
N ASP E 57 -9.78 -17.24 -21.71
CA ASP E 57 -9.47 -18.08 -20.54
C ASP E 57 -8.29 -17.54 -19.68
N GLY E 58 -7.98 -16.26 -19.85
CA GLY E 58 -6.94 -15.59 -19.10
C GLY E 58 -7.42 -15.24 -17.71
N GLY E 59 -6.69 -15.71 -16.71
CA GLY E 59 -7.02 -15.49 -15.31
C GLY E 59 -6.34 -14.28 -14.69
N LEU E 60 -7.03 -13.62 -13.74
CA LEU E 60 -6.53 -12.45 -13.01
C LEU E 60 -6.93 -12.54 -11.55
N ARG E 61 -5.99 -12.18 -10.64
CA ARG E 61 -6.17 -12.23 -9.19
C ARG E 61 -5.41 -11.11 -8.47
N CYS E 62 -5.44 -11.11 -7.12
CA CYS E 62 -4.81 -10.12 -6.22
C CYS E 62 -5.24 -8.70 -6.65
N TRP E 63 -6.57 -8.52 -6.77
CA TRP E 63 -7.21 -7.28 -7.20
C TRP E 63 -7.12 -6.22 -6.10
N GLU E 64 -6.25 -5.21 -6.34
CA GLU E 64 -6.00 -4.08 -5.46
C GLU E 64 -6.99 -2.94 -5.75
N SER E 65 -6.94 -1.88 -4.95
CA SER E 65 -7.82 -0.72 -5.07
C SER E 65 -7.55 0.09 -6.33
N GLY E 66 -8.62 0.61 -6.92
CA GLY E 66 -8.57 1.45 -8.11
C GLY E 66 -8.16 0.79 -9.41
N ASP E 67 -8.20 -0.56 -9.47
CA ASP E 67 -7.83 -1.31 -10.68
C ASP E 67 -9.03 -1.42 -11.64
N ASP E 68 -8.85 -0.96 -12.89
CA ASP E 68 -9.86 -1.00 -13.94
C ASP E 68 -9.82 -2.38 -14.64
N PRO E 69 -10.91 -3.18 -14.64
CA PRO E 69 -10.86 -4.52 -15.27
C PRO E 69 -10.61 -4.51 -16.77
N TRP E 70 -10.96 -3.42 -17.48
CA TRP E 70 -10.74 -3.29 -18.93
C TRP E 70 -9.27 -3.04 -19.25
N VAL E 71 -8.60 -2.20 -18.44
CA VAL E 71 -7.18 -1.85 -18.58
C VAL E 71 -6.32 -3.09 -18.29
N GLU E 72 -6.63 -3.81 -17.19
CA GLU E 72 -5.92 -5.04 -16.80
C GLU E 72 -6.15 -6.18 -17.82
N HIS E 73 -7.23 -6.10 -18.61
CA HIS E 73 -7.57 -7.08 -19.65
C HIS E 73 -6.60 -6.87 -20.82
N ALA E 74 -6.45 -5.61 -21.28
CA ALA E 74 -5.56 -5.23 -22.38
C ALA E 74 -4.08 -5.34 -22.01
N LYS E 75 -3.75 -5.20 -20.71
CA LYS E 75 -2.39 -5.27 -20.18
C LYS E 75 -1.80 -6.68 -20.26
N TRP E 76 -2.61 -7.71 -19.97
CA TRP E 76 -2.14 -9.09 -19.91
C TRP E 76 -2.61 -9.98 -21.05
N PHE E 77 -3.84 -9.80 -21.54
CA PHE E 77 -4.37 -10.60 -22.65
C PHE E 77 -4.77 -9.67 -23.81
N PRO E 78 -3.79 -9.10 -24.57
CA PRO E 78 -4.15 -8.19 -25.66
C PRO E 78 -4.71 -8.88 -26.89
N ARG E 79 -4.45 -10.19 -27.02
CA ARG E 79 -4.90 -11.02 -28.14
C ARG E 79 -6.39 -11.40 -28.05
N CYS E 80 -7.03 -11.22 -26.86
CA CYS E 80 -8.44 -11.52 -26.60
C CYS E 80 -9.38 -10.90 -27.63
N GLU E 81 -10.15 -11.75 -28.33
CA GLU E 81 -11.08 -11.33 -29.39
C GLU E 81 -12.35 -10.65 -28.86
N PHE E 82 -12.65 -10.80 -27.56
CA PHE E 82 -13.79 -10.14 -26.92
C PHE E 82 -13.40 -8.70 -26.57
N LEU E 83 -12.15 -8.53 -26.05
CA LEU E 83 -11.54 -7.25 -25.69
C LEU E 83 -11.40 -6.35 -26.94
N ILE E 84 -10.88 -6.93 -28.05
CA ILE E 84 -10.69 -6.24 -29.33
C ILE E 84 -12.06 -5.80 -29.90
N ARG E 85 -13.08 -6.66 -29.78
CA ARG E 85 -14.44 -6.39 -30.26
C ARG E 85 -15.15 -5.28 -29.47
N MET E 86 -15.06 -5.32 -28.13
CA MET E 86 -15.75 -4.38 -27.24
C MET E 86 -15.09 -3.00 -27.13
N LYS E 87 -13.82 -2.93 -26.67
CA LYS E 87 -13.12 -1.67 -26.46
C LYS E 87 -12.36 -1.16 -27.70
N GLY E 88 -12.05 -2.04 -28.64
CA GLY E 88 -11.34 -1.69 -29.87
C GLY E 88 -9.84 -1.84 -29.80
N GLN E 89 -9.19 -2.02 -30.97
CA GLN E 89 -7.74 -2.18 -31.11
C GLN E 89 -6.96 -0.93 -30.66
N GLU E 90 -7.50 0.27 -30.93
CA GLU E 90 -6.91 1.57 -30.56
C GLU E 90 -6.65 1.68 -29.06
N PHE E 91 -7.57 1.13 -28.24
CA PHE E 91 -7.48 1.07 -26.78
C PHE E 91 -6.37 0.09 -26.39
N VAL E 92 -6.39 -1.12 -26.97
CA VAL E 92 -5.44 -2.21 -26.73
C VAL E 92 -4.00 -1.78 -27.04
N ASP E 93 -3.79 -1.12 -28.20
CA ASP E 93 -2.48 -0.62 -28.63
C ASP E 93 -1.92 0.45 -27.69
N GLU E 94 -2.83 1.31 -27.14
CA GLU E 94 -2.48 2.37 -26.20
C GLU E 94 -1.99 1.79 -24.86
N ILE E 95 -2.67 0.74 -24.34
CA ILE E 95 -2.34 0.07 -23.08
C ILE E 95 -1.04 -0.75 -23.23
N GLN E 96 -0.86 -1.43 -24.38
CA GLN E 96 0.34 -2.21 -24.66
C GLN E 96 1.55 -1.31 -24.90
N GLY E 97 1.29 -0.12 -25.46
CA GLY E 97 2.32 0.88 -25.74
C GLY E 97 2.95 1.51 -24.50
N ARG E 98 2.28 1.36 -23.34
CA ARG E 98 2.73 1.88 -22.04
C ARG E 98 3.96 1.14 -21.51
N TYR E 99 4.07 -0.16 -21.82
CA TYR E 99 5.17 -1.03 -21.36
C TYR E 99 5.68 -1.89 -22.50
N SER F 7 -32.74 -1.02 42.37
CA SER F 7 -33.94 -0.34 42.86
C SER F 7 -35.15 -0.65 41.97
N ILE F 8 -36.23 -1.17 42.59
CA ILE F 8 -37.48 -1.59 41.92
C ILE F 8 -38.27 -0.39 41.37
N SER F 9 -38.88 -0.56 40.19
CA SER F 9 -39.71 0.45 39.51
C SER F 9 -41.18 0.34 39.96
N ASN F 10 -41.76 -0.86 39.87
CA ASN F 10 -43.15 -1.17 40.25
C ASN F 10 -43.15 -2.06 41.50
N LEU F 11 -43.23 -1.43 42.69
CA LEU F 11 -43.23 -2.11 43.99
C LEU F 11 -44.52 -2.93 44.24
N SER F 12 -45.63 -2.58 43.56
CA SER F 12 -46.92 -3.25 43.66
C SER F 12 -46.87 -4.67 43.10
N MET F 13 -46.14 -4.87 41.99
CA MET F 13 -45.99 -6.17 41.32
C MET F 13 -44.74 -6.95 41.76
N GLN F 14 -44.33 -6.77 43.04
CA GLN F 14 -43.18 -7.45 43.63
C GLN F 14 -43.45 -8.92 43.96
N THR F 15 -44.75 -9.32 44.03
CA THR F 15 -45.19 -10.69 44.33
C THR F 15 -45.67 -11.44 43.08
N HIS F 16 -45.63 -12.79 43.13
CA HIS F 16 -46.09 -13.68 42.06
C HIS F 16 -47.61 -13.61 41.89
N ALA F 17 -48.34 -13.38 43.01
CA ALA F 17 -49.80 -13.27 43.05
C ALA F 17 -50.29 -12.03 42.29
N ALA F 18 -49.60 -10.89 42.45
CA ALA F 18 -49.90 -9.63 41.78
C ALA F 18 -49.61 -9.73 40.28
N ARG F 19 -48.54 -10.45 39.92
CA ARG F 19 -48.13 -10.66 38.53
C ARG F 19 -49.05 -11.62 37.78
N MET F 20 -49.54 -12.68 38.44
CA MET F 20 -50.47 -13.66 37.85
C MET F 20 -51.85 -13.04 37.66
N ARG F 21 -52.21 -12.05 38.51
CA ARG F 21 -53.49 -11.33 38.45
C ARG F 21 -53.59 -10.44 37.22
N THR F 22 -52.48 -9.80 36.80
CA THR F 22 -52.41 -8.91 35.63
C THR F 22 -52.54 -9.67 34.31
N PHE F 23 -52.29 -11.00 34.30
CA PHE F 23 -52.36 -11.86 33.12
C PHE F 23 -53.77 -12.42 32.84
N MET F 24 -54.82 -11.74 33.36
CA MET F 24 -56.21 -12.11 33.13
C MET F 24 -56.68 -11.64 31.76
N TYR F 25 -56.15 -10.48 31.32
CA TYR F 25 -56.47 -9.87 30.02
C TYR F 25 -55.58 -10.45 28.92
N TRP F 26 -54.49 -11.15 29.31
CA TRP F 26 -53.49 -11.79 28.44
C TRP F 26 -54.17 -12.77 27.45
N PRO F 27 -53.80 -12.73 26.15
CA PRO F 27 -54.47 -13.61 25.18
C PRO F 27 -53.91 -15.03 25.07
N SER F 28 -54.74 -15.95 24.52
CA SER F 28 -54.39 -17.35 24.30
C SER F 28 -53.56 -17.54 23.01
N SER F 29 -53.50 -16.50 22.16
CA SER F 29 -52.76 -16.50 20.89
C SER F 29 -51.25 -16.65 21.06
N VAL F 30 -50.68 -16.06 22.14
CA VAL F 30 -49.25 -16.09 22.46
C VAL F 30 -48.79 -17.52 22.82
N PRO F 31 -47.71 -18.06 22.21
CA PRO F 31 -47.26 -19.42 22.56
C PRO F 31 -46.33 -19.51 23.77
N VAL F 32 -46.33 -18.47 24.63
CA VAL F 32 -45.55 -18.43 25.87
C VAL F 32 -46.54 -18.37 27.05
N GLN F 33 -46.51 -19.40 27.91
CA GLN F 33 -47.40 -19.58 29.07
C GLN F 33 -47.34 -18.43 30.09
N PRO F 34 -48.50 -18.03 30.67
CA PRO F 34 -48.49 -16.93 31.65
C PRO F 34 -47.76 -17.23 32.96
N GLU F 35 -47.72 -18.53 33.36
CA GLU F 35 -47.05 -19.00 34.56
C GLU F 35 -45.53 -18.84 34.43
N GLN F 36 -45.00 -19.05 33.20
CA GLN F 36 -43.58 -18.92 32.86
C GLN F 36 -43.11 -17.47 33.03
N LEU F 37 -43.91 -16.51 32.51
CA LEU F 37 -43.64 -15.06 32.51
C LEU F 37 -43.75 -14.40 33.88
N ALA F 38 -44.74 -14.83 34.70
CA ALA F 38 -44.97 -14.26 36.04
C ALA F 38 -43.80 -14.49 36.98
N SER F 39 -43.26 -15.73 37.00
CA SER F 39 -42.11 -16.13 37.82
C SER F 39 -40.83 -15.37 37.41
N ALA F 40 -40.71 -15.01 36.10
CA ALA F 40 -39.58 -14.27 35.55
C ALA F 40 -39.61 -12.77 35.92
N GLY F 41 -40.66 -12.34 36.60
CA GLY F 41 -40.84 -10.96 37.07
C GLY F 41 -41.61 -10.05 36.14
N PHE F 42 -42.25 -10.60 35.09
CA PHE F 42 -43.02 -9.83 34.11
C PHE F 42 -44.51 -9.72 34.42
N TYR F 43 -45.07 -8.51 34.17
CA TYR F 43 -46.50 -8.20 34.32
C TYR F 43 -47.05 -7.57 33.04
N TYR F 44 -48.37 -7.73 32.80
CA TYR F 44 -49.01 -7.19 31.59
C TYR F 44 -49.20 -5.68 31.64
N ARG F 47 -51.45 -4.01 26.54
CA ARG F 47 -51.74 -3.98 25.12
C ARG F 47 -50.90 -5.00 24.34
N ASN F 48 -51.52 -5.64 23.32
CA ASN F 48 -50.94 -6.68 22.43
C ASN F 48 -50.37 -7.87 23.23
N ASP F 49 -49.03 -8.00 23.31
CA ASP F 49 -48.34 -9.06 24.07
C ASP F 49 -47.16 -8.47 24.89
N ASP F 50 -47.20 -7.13 25.11
CA ASP F 50 -46.22 -6.33 25.84
C ASP F 50 -46.19 -6.67 27.33
N VAL F 51 -45.00 -7.03 27.84
CA VAL F 51 -44.77 -7.36 29.25
C VAL F 51 -43.56 -6.61 29.79
N LYS F 52 -43.73 -5.97 30.96
CA LYS F 52 -42.68 -5.21 31.63
C LYS F 52 -42.29 -5.85 32.95
N CYS F 53 -40.99 -5.81 33.28
CA CYS F 53 -40.47 -6.34 34.53
C CYS F 53 -40.70 -5.31 35.64
N PHE F 54 -40.70 -5.74 36.91
CA PHE F 54 -40.90 -4.81 38.03
C PHE F 54 -39.58 -4.20 38.53
N CYS F 55 -38.50 -4.98 38.48
CA CYS F 55 -37.16 -4.59 38.94
C CYS F 55 -36.42 -3.68 37.96
N CYS F 56 -36.24 -4.12 36.70
CA CYS F 56 -35.49 -3.39 35.67
C CYS F 56 -36.36 -2.58 34.70
N ASP F 57 -37.71 -2.61 34.86
CA ASP F 57 -38.71 -1.95 33.98
C ASP F 57 -38.51 -2.43 32.52
N GLY F 58 -38.04 -3.66 32.40
CA GLY F 58 -37.71 -4.32 31.15
C GLY F 58 -38.90 -4.66 30.27
N GLY F 59 -39.12 -3.84 29.26
CA GLY F 59 -40.18 -4.03 28.29
C GLY F 59 -39.82 -5.09 27.27
N LEU F 60 -40.70 -6.09 27.10
CA LEU F 60 -40.51 -7.20 26.16
C LEU F 60 -41.82 -7.56 25.45
N ARG F 61 -41.74 -7.80 24.13
CA ARG F 61 -42.90 -8.16 23.29
C ARG F 61 -42.51 -9.10 22.12
N CYS F 62 -43.48 -9.38 21.21
CA CYS F 62 -43.37 -10.23 20.01
C CYS F 62 -42.83 -11.64 20.31
N TRP F 63 -43.43 -12.29 21.32
CA TRP F 63 -43.06 -13.63 21.77
C TRP F 63 -43.38 -14.71 20.72
N GLU F 64 -42.42 -15.62 20.50
CA GLU F 64 -42.53 -16.74 19.55
C GLU F 64 -42.57 -18.07 20.32
N SER F 65 -42.82 -19.18 19.60
CA SER F 65 -42.87 -20.53 20.18
C SER F 65 -41.45 -20.99 20.55
N GLY F 66 -41.34 -21.63 21.72
CA GLY F 66 -40.07 -22.13 22.24
C GLY F 66 -39.24 -21.09 22.97
N ASP F 67 -39.85 -19.92 23.28
CA ASP F 67 -39.18 -18.82 24.00
C ASP F 67 -39.26 -19.01 25.50
N ASP F 68 -38.09 -18.93 26.16
CA ASP F 68 -37.96 -19.07 27.60
C ASP F 68 -37.91 -17.65 28.21
N PRO F 69 -38.86 -17.27 29.10
CA PRO F 69 -38.85 -15.89 29.65
C PRO F 69 -37.59 -15.54 30.44
N TRP F 70 -37.01 -16.52 31.16
CA TRP F 70 -35.77 -16.35 31.93
C TRP F 70 -34.58 -16.20 30.99
N VAL F 71 -34.58 -16.90 29.84
CA VAL F 71 -33.51 -16.84 28.85
C VAL F 71 -33.52 -15.48 28.15
N GLU F 72 -34.71 -14.91 27.90
CA GLU F 72 -34.86 -13.61 27.24
C GLU F 72 -34.56 -12.48 28.23
N HIS F 73 -34.87 -12.66 29.53
CA HIS F 73 -34.61 -11.69 30.59
C HIS F 73 -33.11 -11.47 30.77
N ALA F 74 -32.30 -12.55 30.62
CA ALA F 74 -30.83 -12.50 30.73
C ALA F 74 -30.21 -12.04 29.42
N LYS F 75 -30.91 -12.26 28.28
CA LYS F 75 -30.48 -11.88 26.94
C LYS F 75 -30.50 -10.35 26.76
N TRP F 76 -31.65 -9.72 27.04
CA TRP F 76 -31.86 -8.28 26.88
C TRP F 76 -31.52 -7.45 28.12
N PHE F 77 -31.74 -7.98 29.34
CA PHE F 77 -31.49 -7.26 30.60
C PHE F 77 -30.58 -8.01 31.59
N PRO F 78 -29.26 -8.17 31.31
CA PRO F 78 -28.39 -8.89 32.26
C PRO F 78 -28.04 -8.13 33.54
N ARG F 79 -28.37 -6.83 33.61
CA ARG F 79 -28.11 -5.99 34.80
C ARG F 79 -29.25 -6.01 35.84
N CYS F 80 -30.37 -6.71 35.53
CA CYS F 80 -31.53 -6.84 36.42
C CYS F 80 -31.17 -7.49 37.75
N GLU F 81 -31.25 -6.72 38.86
CA GLU F 81 -30.94 -7.17 40.22
C GLU F 81 -31.75 -8.39 40.65
N PHE F 82 -33.01 -8.50 40.19
CA PHE F 82 -33.91 -9.61 40.52
C PHE F 82 -33.48 -10.90 39.81
N LEU F 83 -33.14 -10.79 38.51
CA LEU F 83 -32.68 -11.89 37.67
C LEU F 83 -31.42 -12.54 38.25
N ILE F 84 -30.45 -11.72 38.72
CA ILE F 84 -29.20 -12.18 39.33
C ILE F 84 -29.47 -12.86 40.69
N ARG F 85 -30.42 -12.31 41.48
CA ARG F 85 -30.81 -12.86 42.78
C ARG F 85 -31.51 -14.21 42.69
N MET F 86 -32.47 -14.33 41.74
CA MET F 86 -33.28 -15.55 41.55
C MET F 86 -32.60 -16.62 40.71
N LYS F 87 -32.29 -16.32 39.43
CA LYS F 87 -31.68 -17.28 38.51
C LYS F 87 -30.20 -17.56 38.82
N GLY F 88 -29.40 -16.52 39.05
CA GLY F 88 -27.98 -16.65 39.35
C GLY F 88 -27.05 -16.03 38.34
N GLN F 89 -25.85 -15.61 38.80
CA GLN F 89 -24.81 -14.98 37.97
C GLN F 89 -24.25 -15.91 36.90
N GLU F 90 -24.00 -17.20 37.24
CA GLU F 90 -23.47 -18.21 36.31
C GLU F 90 -24.41 -18.44 35.13
N PHE F 91 -25.74 -18.39 35.37
CA PHE F 91 -26.80 -18.51 34.37
C PHE F 91 -26.68 -17.34 33.39
N VAL F 92 -26.62 -16.11 33.93
CA VAL F 92 -26.51 -14.84 33.19
C VAL F 92 -25.27 -14.85 32.28
N ASP F 93 -24.12 -15.32 32.80
CA ASP F 93 -22.87 -15.42 32.03
C ASP F 93 -22.94 -16.49 30.93
N GLU F 94 -23.79 -17.52 31.13
CA GLU F 94 -24.00 -18.61 30.17
C GLU F 94 -24.86 -18.13 29.00
N ILE F 95 -25.95 -17.38 29.28
CA ILE F 95 -26.89 -16.84 28.27
C ILE F 95 -26.21 -15.79 27.40
N GLN F 96 -25.40 -14.91 28.03
CA GLN F 96 -24.63 -13.85 27.36
C GLN F 96 -23.49 -14.46 26.50
N GLY F 97 -23.06 -15.66 26.87
CA GLY F 97 -22.01 -16.41 26.17
C GLY F 97 -22.51 -17.22 25.00
N ARG F 98 -23.83 -17.22 24.77
CA ARG F 98 -24.50 -17.92 23.67
C ARG F 98 -24.58 -17.02 22.43
N TYR F 99 -24.58 -15.69 22.63
CA TYR F 99 -24.67 -14.68 21.57
C TYR F 99 -23.48 -13.72 21.59
C48 TKY G . -29.84 5.27 12.23
C43 TKY G . -33.65 3.51 13.35
C40 TKY G . -34.00 3.79 16.74
C36 TKY G . -34.33 -0.79 17.86
C33 TKY G . -32.24 -2.27 19.59
C37 TKY G . -34.29 0.21 16.76
C34 TKY G . -32.22 -1.91 18.13
C7 TKY G . -38.17 -7.36 22.30
C6 TKY G . -37.94 -8.31 21.12
C13 TKY G . -33.70 -3.70 20.88
N5 TKY G . -38.52 -9.60 21.47
C18 TKY G . -37.47 -5.47 23.67
C16 TKY G . -35.30 -4.39 23.06
C19 TKY G . -38.44 -4.39 23.17
C26 TKY G . -41.45 -1.57 25.68
C1 TKY G . -39.07 -12.40 23.26
C10 TKY G . -35.85 -6.62 22.05
C11 TKY G . -35.13 -5.30 22.00
C12 TKY G . -34.32 -4.94 20.92
C14 TKY G . -33.86 -2.81 21.93
C15 TKY G . -34.66 -3.15 23.01
C17 TKY G . -36.19 -4.83 24.20
C2 TKY G . -38.81 -11.99 21.81
C22 TKY G . -40.03 -2.63 23.85
C23 TKY G . -39.35 -1.28 23.68
C24 TKY G . -39.24 -0.54 25.02
C25 TKY G . -40.62 -0.31 25.62
C27 TKY G . -41.19 -2.67 24.83
C28 TKY G . -42.00 -3.79 24.90
C29 TKY G . -43.05 -3.86 25.81
C3 TKY G . -37.92 -10.75 21.76
C30 TKY G . -43.29 -2.80 26.65
C31 TKY G . -42.50 -1.66 26.59
C39 TKY G . -34.76 2.52 16.99
C42 TKY G . -33.39 4.39 14.53
C45 TKY G . -32.71 4.00 11.22
C46 TKY G . -31.95 5.29 11.09
C51 TKY G . -27.94 4.34 10.91
C52 TKY G . -27.46 2.93 11.22
C53 TKY G . -26.51 2.94 12.43
C54 TKY G . -27.12 3.67 13.61
C55 TKY G . -27.60 5.06 13.23
C57 TKY G . -26.40 3.85 16.04
C58 TKY G . -25.15 3.94 16.70
C59 TKY G . -24.19 3.90 15.62
C61 TKY G . -22.71 3.92 15.66
C62 TKY G . -22.00 5.01 15.16
C63 TKY G . -20.62 5.08 15.29
C64 TKY G . -19.94 4.05 15.92
C65 TKY G . -20.62 2.94 16.38
C66 TKY G . -22.00 2.88 16.25
C68 TKY G . -17.78 5.24 16.06
C69 TKY G . -17.89 6.36 16.86
C70 TKY G . -16.98 7.41 16.75
C71 TKY G . -15.98 7.29 15.81
C72 TKY G . -15.84 6.20 14.97
C73 TKY G . -16.75 5.20 15.12
C76 TKY G . -24.98 4.04 18.15
C80 TKY G . -38.46 -7.79 19.74
C81 TKY G . -38.59 -8.95 18.75
C82 TKY G . -39.82 -7.10 19.85
C83 TKY G . -37.46 -6.80 19.14
C85 TKY G . -38.69 -13.32 19.74
F74 TKY G . -16.65 4.11 14.33
F75 TKY G . -15.07 8.30 15.72
N21 TKY G . -39.04 -3.66 24.13
N50 TKY G . -28.53 4.96 12.11
N56 TKY G . -26.15 3.77 14.72
N60 TKY G . -24.80 3.81 14.45
N78 TKY G . -23.80 4.44 18.63
N79 TKY G . -27.63 3.84 16.58
N84 TKY G . -38.19 -13.10 21.09
N9 TKY G . -37.18 -6.52 22.68
O20 TKY G . -38.64 -4.23 21.98
O32 TKY G . -32.94 -3.51 19.75
O35 TKY G . -33.53 -1.93 17.57
O38 TKY G . -33.86 1.47 17.27
O4 TKY G . -36.71 -10.85 21.95
O41 TKY G . -33.08 3.61 15.68
O44 TKY G . -32.50 3.44 12.51
O47 TKY G . -30.53 4.97 11.10
O49 TKY G . -30.34 5.77 13.21
O67 TKY G . -18.57 4.12 16.26
O77 TKY G . -25.92 3.76 18.91
O8 TKY G . -39.27 -7.34 22.84
ZN ZN H . 40.29 -0.06 -8.78
C48 TKY I . 17.56 6.40 -19.08
C43 TKY I . 20.48 4.26 -17.16
C40 TKY I . 21.41 3.91 -13.72
C36 TKY I . 23.42 -0.14 -12.82
C33 TKY I . 23.67 0.64 -9.59
C37 TKY I . 22.91 0.89 -13.76
C34 TKY I . 23.38 -0.54 -10.46
C7 TKY I . 28.14 2.51 -4.11
C6 TKY I . 27.11 1.68 -3.32
C13 TKY I . 25.84 1.70 -9.53
N5 TKY I . 27.75 1.23 -2.09
C18 TKY I . 29.26 3.13 -6.16
C16 TKY I . 28.28 2.22 -8.29
C19 TKY I . 28.86 4.61 -6.26
C26 TKY I . 31.71 8.45 -6.75
C1 TKY I . 30.29 -0.16 -0.48
C10 TKY I . 27.48 1.28 -6.12
C11 TKY I . 27.25 1.63 -7.56
C12 TKY I . 26.03 1.37 -8.19
C14 TKY I . 26.87 2.28 -10.25
C15 TKY I . 28.08 2.54 -9.64
C17 TKY I . 29.56 2.54 -7.55
C2 TKY I . 28.78 -0.13 -0.36
C22 TKY I . 29.69 6.91 -6.56
C23 TKY I . 29.28 7.39 -7.95
C24 TKY I . 30.50 7.68 -8.84
C25 TKY I . 31.38 8.75 -8.19
C27 TKY I . 30.89 7.63 -5.97
C28 TKY I . 31.22 7.43 -4.63
C29 TKY I . 32.34 8.00 -4.07
C3 TKY I . 28.14 -0.01 -1.74
C30 TKY I . 33.17 8.79 -4.85
C31 TKY I . 32.85 9.02 -6.17
C39 TKY I . 21.80 2.80 -12.81
C42 TKY I . 21.50 4.25 -16.06
C45 TKY I . 18.78 5.63 -16.18
C46 TKY I . 17.45 6.02 -16.73
C51 TKY I . 17.55 7.00 -21.46
C52 TKY I . 18.95 6.89 -22.04
C53 TKY I . 19.73 8.19 -21.81
C54 TKY I . 19.69 8.61 -20.34
C55 TKY I . 18.27 8.66 -19.81
C57 TKY I . 21.33 10.24 -19.30
C58 TKY I . 21.68 11.58 -19.55
C59 TKY I . 20.81 11.99 -20.62
C61 TKY I . 20.79 13.24 -21.41
C62 TKY I . 19.61 13.97 -21.59
C63 TKY I . 19.63 15.18 -22.27
C64 TKY I . 20.82 15.67 -22.80
C65 TKY I . 21.98 14.92 -22.66
C66 TKY I . 21.97 13.73 -21.96
C68 TKY I . 20.00 17.89 -23.46
C69 TKY I . 19.68 18.69 -22.38
C70 TKY I . 18.74 19.70 -22.50
C71 TKY I . 18.13 19.88 -23.72
C72 TKY I . 18.41 19.12 -24.83
C73 TKY I . 19.36 18.13 -24.66
C76 TKY I . 22.74 12.34 -18.87
C80 TKY I . 25.75 2.40 -3.05
C81 TKY I . 25.95 3.89 -2.76
C82 TKY I . 24.83 2.27 -4.28
C83 TKY I . 25.04 1.76 -1.86
C85 TKY I . 27.16 -1.15 1.17
F74 TKY I . 19.71 17.38 -25.74
F75 TKY I . 17.20 20.87 -23.84
N21 TKY I . 29.85 5.46 -6.57
N50 TKY I . 17.63 7.36 -20.03
N56 TKY I . 20.34 9.93 -20.16
N60 TKY I . 20.01 11.00 -20.98
N78 TKY I . 22.54 13.62 -18.62
N79 TKY I . 21.84 9.39 -18.41
N84 TKY I . 28.31 -1.36 0.30
N9 TKY I . 28.29 2.30 -5.43
O20 TKY I . 27.71 4.96 -6.05
O32 TKY I . 24.70 1.40 -10.23
O35 TKY I . 22.66 -0.13 -11.61
O38 TKY I . 23.04 2.21 -13.21
O4 TKY I . 27.99 -1.00 -2.47
O41 TKY I . 21.08 3.40 -15.00
O44 TKY I . 19.15 4.34 -16.65
O47 TKY I . 17.64 6.94 -17.85
O49 TKY I . 17.44 5.23 -19.31
O67 TKY I . 20.99 16.92 -23.39
O77 TKY I . 23.79 11.77 -18.56
O8 TKY I . 28.82 3.33 -3.51
ZN ZN J . -10.65 -12.16 -22.71
C48 TKY K . 12.38 -17.76 -10.98
C43 TKY K . 12.89 -14.08 -12.12
C40 TKY K . 11.85 -13.36 -15.46
C36 TKY K . 8.06 -11.98 -14.47
C33 TKY K . 4.54 -11.67 -13.60
C37 TKY K . 8.40 -13.32 -15.02
C34 TKY K . 5.87 -11.15 -14.06
C7 TKY K . -2.20 -11.14 -12.39
C6 TKY K . -1.46 -10.00 -11.69
C13 TKY K . 2.74 -12.73 -14.82
N5 TKY K . -2.40 -8.91 -11.48
C18 TKY K . -2.21 -12.87 -14.17
C16 TKY K . 0.01 -12.98 -15.36
C19 TKY K . -2.19 -14.12 -13.27
C26 TKY K . -5.00 -18.07 -13.22
C1 TKY K . -2.35 -5.49 -10.86
C10 TKY K . -0.52 -10.93 -14.04
C11 TKY K . 0.48 -11.90 -14.60
C12 TKY K . 1.84 -11.79 -14.31
C14 TKY K . 2.29 -13.77 -15.61
C15 TKY K . 0.93 -13.89 -15.88
C17 TKY K . -1.47 -13.16 -15.49
C2 TKY K . -3.24 -6.63 -11.34
C22 TKY K . -3.10 -16.38 -12.94
C23 TKY K . -2.20 -17.34 -13.71
C24 TKY K . -2.62 -18.80 -13.51
C25 TKY K . -4.07 -19.00 -13.94
C27 TKY K . -4.54 -16.83 -12.72
C28 TKY K . -5.41 -16.03 -11.99
C29 TKY K . -6.72 -16.41 -11.76
C3 TKY K . -2.37 -7.69 -12.02
C30 TKY K . -7.18 -17.61 -12.27
C31 TKY K . -6.33 -18.43 -12.99
C39 TKY K . 10.56 -14.13 -15.57
C42 TKY K . 12.86 -13.20 -13.33
C45 TKY K . 10.97 -14.84 -10.90
C46 TKY K . 11.40 -15.87 -9.90
C51 TKY K . 13.25 -19.81 -12.00
C52 TKY K . 12.73 -21.08 -12.65
C53 TKY K . 11.29 -20.90 -13.14
C54 TKY K . 10.34 -20.54 -11.99
C55 TKY K . 11.09 -19.86 -10.86
C57 TKY K . 8.34 -21.83 -11.14
C58 TKY K . 8.08 -23.19 -10.88
C59 TKY K . 9.33 -23.85 -11.12
C61 TKY K . 9.67 -25.29 -11.07
C62 TKY K . 10.41 -25.81 -10.01
C63 TKY K . 10.56 -27.19 -9.86
C64 TKY K . 9.99 -28.04 -10.79
C65 TKY K . 9.31 -27.54 -11.89
C66 TKY K . 9.15 -26.17 -12.02
C68 TKY K . 10.49 -30.12 -9.54
C69 TKY K . 9.76 -30.28 -8.37
C70 TKY K . 10.21 -31.13 -7.37
C71 TKY K . 11.41 -31.79 -7.56
C72 TKY K . 12.19 -31.62 -8.69
C73 TKY K . 11.71 -30.77 -9.65
C76 TKY K . 6.77 -23.76 -10.52
C80 TKY K . -0.68 -10.39 -10.41
C81 TKY K . 0.24 -11.57 -10.64
C82 TKY K . 0.18 -9.21 -9.94
C83 TKY K . -1.65 -10.74 -9.28
C85 TKY K . -5.41 -7.21 -10.58
F74 TKY K . 12.46 -30.55 -10.75
F75 TKY K . 11.84 -32.63 -6.60
N21 TKY K . -3.04 -15.09 -13.62
N50 TKY K . 12.16 -19.03 -11.41
N56 TKY K . 9.64 -21.74 -11.51
N60 TKY K . 10.26 -22.98 -11.48
N78 TKY K . 6.73 -24.95 -9.94
N79 TKY K . 7.52 -20.78 -11.03
N84 TKY K . -4.00 -7.19 -10.22
N9 TKY K . -1.70 -11.64 -13.52
O20 TKY K . -1.44 -14.18 -12.29
O32 TKY K . 4.08 -12.69 -14.50
O35 TKY K . 6.90 -12.06 -13.66
O38 TKY K . 9.50 -13.23 -15.91
O4 TKY K . -1.69 -7.41 -13.00
O41 TKY K . 12.71 -13.98 -14.51
O44 TKY K . 11.74 -14.92 -12.09
O47 TKY K . 11.25 -17.19 -10.50
O49 TKY K . 13.45 -17.22 -11.04
O67 TKY K . 9.97 -29.44 -10.64
O77 TKY K . 5.72 -23.15 -10.80
O8 TKY K . -3.22 -11.59 -11.88
ZN ZN L . -36.02 -7.44 35.76
#